data_1UIN
#
_entry.id   1UIN
#
_cell.length_a   113.207
_cell.length_b   113.207
_cell.length_c   150.346
_cell.angle_alpha   90.00
_cell.angle_beta   90.00
_cell.angle_gamma   120.00
#
_symmetry.space_group_name_H-M   'P 32 2 1'
#
loop_
_entity.id
_entity.type
_entity.pdbx_description
1 polymer 'Threonine Synthase'
2 non-polymer 'SULFATE ION'
3 non-polymer "PYRIDOXAL-5'-PHOSPHATE"
4 water water
#
_entity_poly.entity_id   1
_entity_poly.type   'polypeptide(L)'
_entity_poly.pdbx_seq_one_letter_code
;MRPPLIERYRNLLPVSEKTPVISLLEGSTPLIPLKGPEEARKKGIRLYAKYEGLNPTGSFKDRGMTLAVSKAVEGGAQAV
ACASTGNTAASAAAYAARAGILAIVVLPAGYVALGKVAQSLVHGARIVQVEGNFDDALRLTQKLTEAFPVALVNSVNPHR
LEGQKTLAFEVVDELGDAPHYHALPVGNAGNITAHWMGYKAYHALGKAKRLPRMLGFQAAGAAPLVLGRPVERPETLATA
IRIGNPASWQGAVRAKEESGGVIEAVTDEEILFAYRYLAREEGIFCEPASAAAMAGVFKLLREGRLEPESTVVLTLTGHG
LKDPATAERVAELPPPVPARLEAVAAAAGLL
;
_entity_poly.pdbx_strand_id   A,B
#
loop_
_chem_comp.id
_chem_comp.type
_chem_comp.name
_chem_comp.formula
PLP non-polymer PYRIDOXAL-5'-PHOSPHATE 'C8 H10 N O6 P'
SO4 non-polymer 'SULFATE ION' 'O4 S -2'
#
# COMPACT_ATOMS: atom_id res chain seq x y z
N ARG A 2 -7.43 9.15 9.16
CA ARG A 2 -7.75 9.19 7.71
C ARG A 2 -9.25 9.41 7.48
N PRO A 3 -9.68 10.66 7.25
CA PRO A 3 -11.12 10.91 7.04
C PRO A 3 -11.45 10.60 5.58
N PRO A 4 -12.74 10.49 5.24
CA PRO A 4 -13.01 10.22 3.83
C PRO A 4 -12.55 11.47 3.06
N LEU A 5 -11.82 11.28 1.97
CA LEU A 5 -11.34 12.40 1.20
C LEU A 5 -12.47 13.38 0.86
N ILE A 6 -13.61 12.85 0.40
CA ILE A 6 -14.75 13.70 0.06
C ILE A 6 -15.23 14.56 1.25
N GLU A 7 -15.13 14.03 2.46
CA GLU A 7 -15.54 14.79 3.64
C GLU A 7 -14.50 15.81 4.06
N ARG A 8 -13.22 15.46 3.92
CA ARG A 8 -12.15 16.38 4.28
C ARG A 8 -12.22 17.67 3.46
N TYR A 9 -12.61 17.58 2.19
CA TYR A 9 -12.69 18.75 1.33
C TYR A 9 -14.06 18.93 0.69
N ARG A 10 -15.10 18.56 1.43
CA ARG A 10 -16.49 18.64 0.98
C ARG A 10 -16.87 19.97 0.32
N ASN A 11 -16.62 21.06 1.01
CA ASN A 11 -16.98 22.39 0.49
C ASN A 11 -16.24 22.78 -0.76
N LEU A 12 -15.15 22.07 -1.06
CA LEU A 12 -14.34 22.38 -2.25
C LEU A 12 -14.55 21.36 -3.36
N LEU A 13 -15.42 20.38 -3.11
CA LEU A 13 -15.69 19.33 -4.10
C LEU A 13 -17.13 19.37 -4.60
N PRO A 14 -17.35 18.94 -5.86
CA PRO A 14 -18.68 18.93 -6.49
C PRO A 14 -19.65 17.93 -5.87
N VAL A 15 -19.86 18.04 -4.56
CA VAL A 15 -20.76 17.13 -3.88
C VAL A 15 -21.82 17.87 -3.08
N SER A 16 -22.90 17.16 -2.77
CA SER A 16 -24.00 17.74 -2.01
C SER A 16 -24.32 16.79 -0.87
N GLU A 17 -25.34 17.14 -0.09
CA GLU A 17 -25.72 16.30 1.04
C GLU A 17 -26.36 15.02 0.52
N LYS A 18 -26.76 15.03 -0.76
CA LYS A 18 -27.37 13.85 -1.38
C LYS A 18 -26.34 12.92 -2.00
N THR A 19 -25.09 13.35 -2.06
CA THR A 19 -24.05 12.53 -2.65
C THR A 19 -23.69 11.35 -1.75
N PRO A 20 -23.83 10.12 -2.25
CA PRO A 20 -23.49 8.96 -1.43
C PRO A 20 -21.96 8.88 -1.38
N VAL A 21 -21.39 8.97 -0.18
CA VAL A 21 -19.94 8.95 -0.02
C VAL A 21 -19.37 7.56 -0.10
N ILE A 22 -18.82 7.22 -1.27
CA ILE A 22 -18.20 5.91 -1.47
C ILE A 22 -16.70 6.09 -1.22
N SER A 23 -16.28 5.81 0.01
CA SER A 23 -14.90 6.00 0.38
C SER A 23 -14.22 4.79 1.02
N LEU A 24 -12.92 4.70 0.80
CA LEU A 24 -12.10 3.65 1.36
C LEU A 24 -11.02 4.34 2.19
N LEU A 25 -11.32 5.58 2.57
CA LEU A 25 -10.43 6.42 3.35
C LEU A 25 -9.13 6.70 2.60
N GLU A 26 -9.27 6.88 1.29
CA GLU A 26 -8.16 7.20 0.39
C GLU A 26 -7.70 8.62 0.74
N GLY A 27 -6.56 9.02 0.20
CA GLY A 27 -6.06 10.36 0.49
C GLY A 27 -5.33 10.43 1.81
N SER A 28 -5.03 11.66 2.25
CA SER A 28 -4.32 11.87 3.51
C SER A 28 -3.05 11.02 3.55
N THR A 29 -2.35 10.94 2.43
CA THR A 29 -1.13 10.14 2.35
C THR A 29 0.06 10.89 2.95
N PRO A 30 1.07 10.15 3.38
CA PRO A 30 2.25 10.79 3.97
C PRO A 30 3.09 11.60 2.97
N LEU A 31 3.65 12.68 3.49
CA LEU A 31 4.53 13.57 2.72
C LEU A 31 5.87 13.35 3.40
N ILE A 32 6.62 12.38 2.89
CA ILE A 32 7.91 12.02 3.46
C ILE A 32 9.05 12.97 3.08
N PRO A 33 9.67 13.61 4.08
CA PRO A 33 10.78 14.51 3.74
C PRO A 33 11.95 13.63 3.32
N LEU A 34 12.54 13.90 2.17
CA LEU A 34 13.66 13.07 1.71
C LEU A 34 15.00 13.50 2.27
N LYS A 35 15.86 12.53 2.52
CA LYS A 35 17.21 12.77 3.05
C LYS A 35 18.03 13.57 2.04
N GLY A 36 17.99 13.16 0.79
CA GLY A 36 18.76 13.85 -0.23
C GLY A 36 18.02 14.16 -1.51
N PRO A 37 18.68 14.01 -2.67
CA PRO A 37 20.08 13.56 -2.79
C PRO A 37 21.07 14.66 -2.43
N GLU A 38 22.36 14.32 -2.46
CA GLU A 38 23.42 15.27 -2.13
C GLU A 38 23.38 16.48 -3.06
N GLU A 39 23.07 16.24 -4.33
CA GLU A 39 22.99 17.31 -5.32
C GLU A 39 22.07 18.41 -4.82
N ALA A 40 20.96 18.00 -4.21
CA ALA A 40 19.97 18.93 -3.68
C ALA A 40 20.38 19.55 -2.35
N ARG A 41 20.89 18.73 -1.44
CA ARG A 41 21.30 19.24 -0.14
C ARG A 41 22.40 20.29 -0.29
N LYS A 42 23.34 20.06 -1.22
CA LYS A 42 24.44 21.00 -1.45
C LYS A 42 23.94 22.40 -1.77
N LYS A 43 22.65 22.52 -2.12
CA LYS A 43 22.07 23.82 -2.45
C LYS A 43 20.91 24.20 -1.55
N GLY A 44 20.76 23.49 -0.43
CA GLY A 44 19.68 23.80 0.50
C GLY A 44 18.30 23.56 -0.11
N ILE A 45 18.23 22.69 -1.11
CA ILE A 45 16.97 22.34 -1.75
C ILE A 45 16.36 21.14 -1.05
N ARG A 46 15.15 21.31 -0.51
CA ARG A 46 14.48 20.24 0.21
C ARG A 46 13.44 19.53 -0.65
N LEU A 47 13.47 18.20 -0.61
CA LEU A 47 12.53 17.40 -1.37
C LEU A 47 11.57 16.66 -0.43
N TYR A 48 10.30 16.57 -0.84
CA TYR A 48 9.28 15.86 -0.08
C TYR A 48 8.55 14.93 -1.03
N ALA A 49 8.35 13.68 -0.64
CA ALA A 49 7.66 12.73 -1.51
C ALA A 49 6.25 12.42 -1.03
N LYS A 50 5.26 12.86 -1.79
CA LYS A 50 3.87 12.59 -1.46
C LYS A 50 3.66 11.14 -1.91
N TYR A 51 3.62 10.23 -0.94
CA TYR A 51 3.51 8.79 -1.20
C TYR A 51 2.10 8.27 -1.53
N GLU A 52 1.70 8.44 -2.78
CA GLU A 52 0.37 8.01 -3.25
C GLU A 52 0.20 6.52 -3.42
N GLY A 53 1.29 5.77 -3.33
CA GLY A 53 1.21 4.33 -3.45
C GLY A 53 0.56 3.75 -2.21
N LEU A 54 0.34 4.60 -1.20
CA LEU A 54 -0.29 4.14 0.05
C LEU A 54 -1.80 4.40 0.09
N ASN A 55 -2.39 4.55 -1.09
CA ASN A 55 -3.84 4.73 -1.19
C ASN A 55 -4.40 3.31 -1.22
N PRO A 56 -5.69 3.14 -0.92
CA PRO A 56 -6.34 1.83 -0.88
C PRO A 56 -5.95 0.81 -1.96
N THR A 57 -5.89 1.21 -3.23
CA THR A 57 -5.51 0.27 -4.27
C THR A 57 -4.04 0.37 -4.70
N GLY A 58 -3.29 1.27 -4.06
CA GLY A 58 -1.88 1.40 -4.38
C GLY A 58 -1.53 2.43 -5.43
N SER A 59 -2.49 3.29 -5.76
CA SER A 59 -2.30 4.33 -6.76
C SER A 59 -3.09 5.59 -6.39
N PHE A 60 -2.61 6.75 -6.83
CA PHE A 60 -3.28 8.01 -6.55
C PHE A 60 -4.68 8.09 -7.20
N LYS A 61 -4.93 7.22 -8.17
CA LYS A 61 -6.21 7.23 -8.86
C LYS A 61 -7.41 7.07 -7.92
N ASP A 62 -7.18 6.52 -6.73
CA ASP A 62 -8.25 6.35 -5.75
C ASP A 62 -8.87 7.71 -5.44
N ARG A 63 -8.05 8.77 -5.51
CA ARG A 63 -8.51 10.13 -5.23
C ARG A 63 -9.59 10.52 -6.22
N GLY A 64 -9.37 10.21 -7.49
CA GLY A 64 -10.34 10.55 -8.51
C GLY A 64 -11.51 9.58 -8.50
N MET A 65 -11.24 8.31 -8.26
CA MET A 65 -12.30 7.31 -8.27
C MET A 65 -13.34 7.47 -7.16
N THR A 66 -12.91 7.89 -5.96
CA THR A 66 -13.87 8.06 -4.88
C THR A 66 -14.96 9.06 -5.30
N LEU A 67 -14.53 10.17 -5.89
CA LEU A 67 -15.47 11.18 -6.35
C LEU A 67 -16.28 10.69 -7.56
N ALA A 68 -15.60 10.14 -8.57
CA ALA A 68 -16.29 9.66 -9.78
C ALA A 68 -17.38 8.61 -9.51
N VAL A 69 -17.07 7.60 -8.71
CA VAL A 69 -18.04 6.55 -8.38
C VAL A 69 -19.14 7.09 -7.47
N SER A 70 -18.79 8.02 -6.58
CA SER A 70 -19.78 8.59 -5.68
C SER A 70 -20.81 9.37 -6.50
N LYS A 71 -20.33 10.16 -7.47
CA LYS A 71 -21.22 10.94 -8.33
C LYS A 71 -21.99 9.99 -9.24
N ALA A 72 -21.32 8.97 -9.76
CA ALA A 72 -21.96 8.00 -10.63
C ALA A 72 -23.16 7.40 -9.91
N VAL A 73 -22.99 7.04 -8.64
CA VAL A 73 -24.06 6.46 -7.84
C VAL A 73 -25.14 7.50 -7.61
N GLU A 74 -24.73 8.72 -7.31
CA GLU A 74 -25.68 9.81 -7.09
C GLU A 74 -26.56 9.98 -8.32
N GLY A 75 -26.04 9.57 -9.47
CA GLY A 75 -26.79 9.68 -10.71
C GLY A 75 -27.62 8.46 -11.06
N GLY A 76 -27.63 7.47 -10.17
CA GLY A 76 -28.42 6.27 -10.41
C GLY A 76 -27.69 5.22 -11.24
N ALA A 77 -26.38 5.39 -11.41
CA ALA A 77 -25.60 4.44 -12.19
C ALA A 77 -25.57 3.07 -11.53
N GLN A 78 -25.73 2.02 -12.33
CA GLN A 78 -25.69 0.67 -11.79
C GLN A 78 -24.29 0.11 -12.00
N ALA A 79 -23.44 0.90 -12.65
CA ALA A 79 -22.09 0.47 -12.93
C ALA A 79 -21.25 1.58 -13.52
N VAL A 80 -19.94 1.40 -13.50
CA VAL A 80 -19.00 2.34 -14.08
C VAL A 80 -18.17 1.51 -15.04
N ALA A 81 -17.53 2.16 -16.00
CA ALA A 81 -16.73 1.41 -16.95
C ALA A 81 -15.52 2.21 -17.43
N CYS A 82 -14.54 1.48 -17.94
CA CYS A 82 -13.33 2.08 -18.47
C CYS A 82 -12.76 1.03 -19.39
N ALA A 83 -11.80 1.40 -20.22
CA ALA A 83 -11.18 0.43 -21.09
C ALA A 83 -9.69 0.45 -20.78
N SER A 84 -9.38 0.38 -19.49
CA SER A 84 -8.00 0.38 -18.99
C SER A 84 -7.68 -1.00 -18.46
N THR A 85 -6.41 -1.36 -18.48
CA THR A 85 -6.00 -2.66 -17.97
C THR A 85 -5.12 -2.45 -16.74
N GLY A 86 -4.85 -1.20 -16.41
CA GLY A 86 -3.98 -0.91 -15.28
C GLY A 86 -4.58 -0.45 -13.96
N ASN A 87 -3.92 0.51 -13.33
CA ASN A 87 -4.36 1.04 -12.05
C ASN A 87 -5.76 1.65 -12.06
N THR A 88 -6.23 2.07 -13.23
CA THR A 88 -7.58 2.64 -13.30
C THR A 88 -8.63 1.55 -13.06
N ALA A 89 -8.45 0.41 -13.71
CA ALA A 89 -9.36 -0.71 -13.58
C ALA A 89 -9.41 -1.21 -12.14
N ALA A 90 -8.24 -1.27 -11.50
CA ALA A 90 -8.17 -1.73 -10.11
C ALA A 90 -8.91 -0.76 -9.18
N SER A 91 -8.69 0.53 -9.38
CA SER A 91 -9.34 1.55 -8.56
C SER A 91 -10.86 1.52 -8.80
N ALA A 92 -11.27 1.48 -10.06
CA ALA A 92 -12.70 1.45 -10.42
C ALA A 92 -13.38 0.24 -9.80
N ALA A 93 -12.72 -0.92 -9.90
CA ALA A 93 -13.29 -2.14 -9.35
C ALA A 93 -13.43 -2.09 -7.84
N ALA A 94 -12.41 -1.58 -7.15
CA ALA A 94 -12.45 -1.50 -5.69
C ALA A 94 -13.58 -0.58 -5.22
N TYR A 95 -13.72 0.57 -5.87
CA TYR A 95 -14.76 1.50 -5.47
C TYR A 95 -16.15 1.01 -5.88
N ALA A 96 -16.23 0.33 -7.02
CA ALA A 96 -17.49 -0.22 -7.48
C ALA A 96 -17.94 -1.25 -6.45
N ALA A 97 -17.00 -2.06 -5.99
CA ALA A 97 -17.29 -3.08 -4.98
C ALA A 97 -17.79 -2.41 -3.70
N ARG A 98 -17.14 -1.34 -3.31
CA ARG A 98 -17.52 -0.58 -2.12
C ARG A 98 -18.94 -0.03 -2.25
N ALA A 99 -19.29 0.40 -3.45
CA ALA A 99 -20.62 0.98 -3.73
C ALA A 99 -21.71 -0.07 -3.93
N GLY A 100 -21.31 -1.29 -4.27
CA GLY A 100 -22.30 -2.33 -4.49
C GLY A 100 -22.77 -2.31 -5.93
N ILE A 101 -21.96 -1.73 -6.81
CA ILE A 101 -22.30 -1.68 -8.22
C ILE A 101 -21.21 -2.38 -9.02
N LEU A 102 -21.45 -2.53 -10.32
CA LEU A 102 -20.50 -3.18 -11.21
C LEU A 102 -19.37 -2.30 -11.70
N ALA A 103 -18.25 -2.94 -12.00
CA ALA A 103 -17.09 -2.28 -12.56
C ALA A 103 -16.90 -3.06 -13.85
N ILE A 104 -17.04 -2.38 -14.98
CA ILE A 104 -16.90 -3.04 -16.26
C ILE A 104 -15.67 -2.55 -17.00
N VAL A 105 -14.90 -3.50 -17.50
CA VAL A 105 -13.69 -3.17 -18.23
C VAL A 105 -13.75 -3.92 -19.56
N VAL A 106 -13.77 -3.18 -20.66
CA VAL A 106 -13.82 -3.80 -21.97
C VAL A 106 -12.45 -3.73 -22.62
N LEU A 107 -11.96 -4.87 -23.10
CA LEU A 107 -10.65 -4.96 -23.72
C LEU A 107 -10.64 -5.88 -24.93
N PRO A 108 -9.65 -5.73 -25.81
CA PRO A 108 -9.58 -6.60 -26.99
C PRO A 108 -9.17 -7.98 -26.49
N ALA A 109 -9.81 -9.03 -27.00
CA ALA A 109 -9.50 -10.38 -26.56
C ALA A 109 -8.02 -10.75 -26.69
N GLY A 110 -7.52 -11.50 -25.72
CA GLY A 110 -6.14 -11.95 -25.75
C GLY A 110 -5.09 -10.86 -25.58
N TYR A 111 -5.53 -9.65 -25.26
CA TYR A 111 -4.61 -8.54 -25.10
C TYR A 111 -3.88 -8.61 -23.74
N VAL A 112 -4.63 -8.57 -22.64
CA VAL A 112 -3.99 -8.57 -21.33
C VAL A 112 -3.73 -9.93 -20.67
N ALA A 113 -2.75 -9.94 -19.76
CA ALA A 113 -2.38 -11.14 -19.03
C ALA A 113 -3.21 -11.16 -17.75
N LEU A 114 -3.51 -12.35 -17.26
CA LEU A 114 -4.32 -12.49 -16.03
C LEU A 114 -3.68 -11.70 -14.90
N GLY A 115 -2.37 -11.85 -14.74
CA GLY A 115 -1.64 -11.14 -13.70
C GLY A 115 -1.87 -9.65 -13.62
N LYS A 116 -1.97 -8.97 -14.77
CA LYS A 116 -2.17 -7.53 -14.75
C LYS A 116 -3.56 -7.09 -14.29
N VAL A 117 -4.58 -7.89 -14.55
CA VAL A 117 -5.93 -7.53 -14.15
C VAL A 117 -6.41 -8.30 -12.93
N ALA A 118 -5.52 -9.12 -12.36
CA ALA A 118 -5.86 -9.93 -11.19
C ALA A 118 -6.43 -9.12 -10.03
N GLN A 119 -5.84 -7.95 -9.77
CA GLN A 119 -6.31 -7.10 -8.68
C GLN A 119 -7.76 -6.68 -8.90
N SER A 120 -8.08 -6.16 -10.07
CA SER A 120 -9.43 -5.72 -10.33
C SER A 120 -10.41 -6.90 -10.34
N LEU A 121 -9.94 -8.08 -10.75
CA LEU A 121 -10.78 -9.27 -10.79
C LEU A 121 -11.13 -9.78 -9.40
N VAL A 122 -10.18 -9.71 -8.46
CA VAL A 122 -10.45 -10.15 -7.10
C VAL A 122 -11.54 -9.26 -6.53
N HIS A 123 -11.55 -7.99 -6.93
CA HIS A 123 -12.56 -7.04 -6.46
C HIS A 123 -13.89 -7.33 -7.15
N GLY A 124 -13.90 -8.29 -8.06
CA GLY A 124 -15.13 -8.65 -8.76
C GLY A 124 -15.41 -7.86 -10.03
N ALA A 125 -14.36 -7.33 -10.64
CA ALA A 125 -14.51 -6.57 -11.87
C ALA A 125 -15.03 -7.48 -12.99
N ARG A 126 -15.92 -6.96 -13.81
CA ARG A 126 -16.46 -7.70 -14.94
C ARG A 126 -15.60 -7.31 -16.13
N ILE A 127 -14.64 -8.14 -16.48
CA ILE A 127 -13.76 -7.84 -17.60
C ILE A 127 -14.32 -8.50 -18.84
N VAL A 128 -14.65 -7.71 -19.84
CA VAL A 128 -15.20 -8.27 -21.07
C VAL A 128 -14.26 -8.19 -22.27
N GLN A 129 -13.67 -9.33 -22.62
CA GLN A 129 -12.77 -9.39 -23.76
C GLN A 129 -13.65 -9.51 -25.01
N VAL A 130 -13.47 -8.58 -25.96
CA VAL A 130 -14.25 -8.60 -27.19
C VAL A 130 -13.38 -9.07 -28.35
N GLU A 131 -14.00 -9.66 -29.35
CA GLU A 131 -13.25 -10.12 -30.51
C GLU A 131 -13.10 -8.97 -31.49
N GLY A 132 -12.27 -8.00 -31.12
CA GLY A 132 -12.03 -6.83 -31.95
C GLY A 132 -10.76 -6.08 -31.54
N ASN A 133 -10.60 -4.86 -32.05
CA ASN A 133 -9.43 -4.02 -31.75
C ASN A 133 -9.66 -3.13 -30.54
N PHE A 134 -8.60 -2.46 -30.11
CA PHE A 134 -8.66 -1.58 -28.94
C PHE A 134 -9.62 -0.42 -29.19
N ASP A 135 -9.90 -0.18 -30.47
CA ASP A 135 -10.82 0.88 -30.87
C ASP A 135 -12.23 0.36 -30.73
N ASP A 136 -12.36 -0.96 -30.86
CA ASP A 136 -13.65 -1.61 -30.73
C ASP A 136 -14.07 -1.58 -29.27
N ALA A 137 -13.09 -1.74 -28.39
CA ALA A 137 -13.32 -1.75 -26.95
C ALA A 137 -13.73 -0.38 -26.43
N LEU A 138 -13.00 0.65 -26.83
CA LEU A 138 -13.32 2.01 -26.39
C LEU A 138 -14.72 2.36 -26.89
N ARG A 139 -14.97 2.05 -28.15
CA ARG A 139 -16.25 2.32 -28.76
C ARG A 139 -17.38 1.62 -28.04
N LEU A 140 -17.30 0.30 -27.93
CA LEU A 140 -18.32 -0.48 -27.25
C LEU A 140 -18.55 0.05 -25.84
N THR A 141 -17.49 0.60 -25.24
CA THR A 141 -17.57 1.15 -23.90
C THR A 141 -18.50 2.36 -23.94
N GLN A 142 -18.25 3.21 -24.93
CA GLN A 142 -19.04 4.42 -25.12
C GLN A 142 -20.54 4.11 -25.22
N LYS A 143 -20.89 3.19 -26.12
CA LYS A 143 -22.28 2.82 -26.32
C LYS A 143 -22.92 2.20 -25.08
N LEU A 144 -22.11 1.52 -24.28
CA LEU A 144 -22.59 0.90 -23.05
C LEU A 144 -23.06 2.03 -22.15
N THR A 145 -22.27 3.10 -22.12
CA THR A 145 -22.52 4.29 -21.31
C THR A 145 -23.72 5.08 -21.83
N GLU A 146 -24.09 4.84 -23.07
CA GLU A 146 -25.22 5.55 -23.68
C GLU A 146 -26.50 4.72 -23.76
N ALA A 147 -26.37 3.41 -23.69
CA ALA A 147 -27.55 2.55 -23.77
C ALA A 147 -27.98 2.00 -22.41
N PHE A 148 -27.07 1.99 -21.45
CA PHE A 148 -27.42 1.49 -20.12
C PHE A 148 -26.99 2.49 -19.05
N PRO A 149 -27.47 2.30 -17.82
CA PRO A 149 -27.10 3.23 -16.74
C PRO A 149 -25.67 2.99 -16.26
N VAL A 150 -24.72 3.23 -17.14
CA VAL A 150 -23.32 3.03 -16.83
C VAL A 150 -22.55 4.33 -17.02
N ALA A 151 -21.81 4.73 -15.98
CA ALA A 151 -21.02 5.95 -16.05
C ALA A 151 -19.60 5.62 -16.51
N LEU A 152 -19.06 6.49 -17.36
CA LEU A 152 -17.70 6.31 -17.88
C LEU A 152 -16.73 7.00 -16.93
N VAL A 153 -15.82 6.24 -16.33
CA VAL A 153 -14.86 6.83 -15.40
C VAL A 153 -13.45 6.81 -15.98
N ASN A 154 -13.36 7.28 -17.22
CA ASN A 154 -12.08 7.35 -17.93
C ASN A 154 -11.36 8.62 -17.51
N SER A 155 -10.16 8.82 -18.08
CA SER A 155 -9.30 9.96 -17.78
C SER A 155 -9.95 11.33 -17.78
N VAL A 156 -10.79 11.62 -18.77
CA VAL A 156 -11.43 12.93 -18.86
C VAL A 156 -12.64 13.12 -17.96
N ASN A 157 -13.08 12.07 -17.28
CA ASN A 157 -14.22 12.20 -16.37
C ASN A 157 -13.87 13.38 -15.48
N PRO A 158 -14.70 14.44 -15.51
CA PRO A 158 -14.46 15.65 -14.71
C PRO A 158 -14.33 15.41 -13.22
N HIS A 159 -15.02 14.39 -12.73
CA HIS A 159 -14.99 14.07 -11.32
C HIS A 159 -13.67 13.46 -10.88
N ARG A 160 -13.05 12.66 -11.74
CA ARG A 160 -11.76 12.07 -11.42
C ARG A 160 -10.74 13.19 -11.27
N LEU A 161 -10.84 14.21 -12.11
CA LEU A 161 -9.92 15.33 -12.06
C LEU A 161 -10.14 16.16 -10.79
N GLU A 162 -11.40 16.36 -10.40
CA GLU A 162 -11.67 17.13 -9.19
C GLU A 162 -11.14 16.40 -7.95
N GLY A 163 -11.33 15.09 -7.91
CA GLY A 163 -10.85 14.33 -6.77
C GLY A 163 -9.34 14.35 -6.66
N GLN A 164 -8.66 14.23 -7.80
CA GLN A 164 -7.20 14.21 -7.82
C GLN A 164 -6.60 15.57 -7.45
N LYS A 165 -7.41 16.62 -7.50
CA LYS A 165 -6.93 17.95 -7.16
C LYS A 165 -6.57 18.04 -5.67
N THR A 166 -7.25 17.26 -4.85
CA THR A 166 -7.03 17.28 -3.40
C THR A 166 -5.58 17.02 -2.98
N LEU A 167 -4.78 16.38 -3.83
CA LEU A 167 -3.39 16.13 -3.47
C LEU A 167 -2.71 17.47 -3.19
N ALA A 168 -2.99 18.47 -4.02
CA ALA A 168 -2.39 19.78 -3.84
C ALA A 168 -2.83 20.36 -2.49
N PHE A 169 -4.09 20.14 -2.13
CA PHE A 169 -4.65 20.64 -0.87
C PHE A 169 -3.87 20.08 0.31
N GLU A 170 -3.66 18.77 0.30
CA GLU A 170 -2.93 18.10 1.36
C GLU A 170 -1.50 18.61 1.51
N VAL A 171 -0.86 18.88 0.37
CA VAL A 171 0.49 19.40 0.40
C VAL A 171 0.53 20.77 1.07
N VAL A 172 -0.36 21.68 0.67
CA VAL A 172 -0.40 23.01 1.28
C VAL A 172 -0.76 22.94 2.75
N ASP A 173 -1.74 22.10 3.11
CA ASP A 173 -2.13 21.97 4.52
C ASP A 173 -0.92 21.56 5.36
N GLU A 174 -0.12 20.65 4.81
CA GLU A 174 1.05 20.14 5.50
C GLU A 174 2.22 21.12 5.59
N LEU A 175 2.62 21.68 4.45
CA LEU A 175 3.75 22.61 4.39
C LEU A 175 3.45 24.04 4.83
N GLY A 176 2.18 24.42 4.84
CA GLY A 176 1.82 25.77 5.22
C GLY A 176 1.71 26.67 4.01
N ASP A 177 2.15 26.15 2.88
CA ASP A 177 2.11 26.90 1.62
C ASP A 177 2.43 25.93 0.48
N ALA A 178 2.25 26.40 -0.74
CA ALA A 178 2.55 25.58 -1.90
C ALA A 178 4.06 25.57 -2.05
N PRO A 179 4.63 24.47 -2.56
CA PRO A 179 6.09 24.41 -2.72
C PRO A 179 6.49 25.23 -3.96
N HIS A 180 7.78 25.53 -4.07
CA HIS A 180 8.28 26.28 -5.22
C HIS A 180 8.13 25.42 -6.48
N TYR A 181 8.36 24.12 -6.34
CA TYR A 181 8.26 23.19 -7.46
C TYR A 181 7.49 21.93 -7.10
N HIS A 182 6.74 21.41 -8.08
CA HIS A 182 6.02 20.16 -7.87
C HIS A 182 6.20 19.28 -9.09
N ALA A 183 6.93 18.18 -8.90
CA ALA A 183 7.20 17.24 -9.97
C ALA A 183 6.32 16.00 -9.86
N LEU A 184 5.93 15.44 -11.02
CA LEU A 184 5.09 14.26 -11.08
C LEU A 184 5.17 13.63 -12.46
N PRO A 185 4.75 12.36 -12.59
CA PRO A 185 4.80 11.68 -13.89
C PRO A 185 3.62 12.18 -14.73
N VAL A 186 3.73 12.06 -16.05
CA VAL A 186 2.65 12.47 -16.93
C VAL A 186 2.33 11.38 -17.97
N GLY A 187 1.17 10.77 -17.82
CA GLY A 187 0.73 9.74 -18.74
C GLY A 187 -0.35 10.36 -19.60
N ASN A 188 -1.60 10.23 -19.17
CA ASN A 188 -2.71 10.83 -19.88
C ASN A 188 -2.83 12.30 -19.48
N ALA A 189 -1.99 12.69 -18.50
CA ALA A 189 -1.91 14.07 -18.01
C ALA A 189 -3.05 14.57 -17.15
N GLY A 190 -3.93 13.69 -16.73
CA GLY A 190 -5.04 14.12 -15.90
C GLY A 190 -4.52 14.54 -14.52
N ASN A 191 -3.44 13.89 -14.08
CA ASN A 191 -2.89 14.20 -12.77
C ASN A 191 -2.24 15.58 -12.70
N ILE A 192 -1.40 15.93 -13.68
CA ILE A 192 -0.77 17.25 -13.63
C ILE A 192 -1.83 18.33 -13.81
N THR A 193 -2.87 18.02 -14.57
CA THR A 193 -3.95 18.98 -14.78
C THR A 193 -4.67 19.22 -13.46
N ALA A 194 -4.95 18.14 -12.74
CA ALA A 194 -5.63 18.24 -11.45
C ALA A 194 -4.77 18.93 -10.40
N HIS A 195 -3.48 18.59 -10.37
CA HIS A 195 -2.55 19.19 -9.42
C HIS A 195 -2.62 20.71 -9.57
N TRP A 196 -2.55 21.17 -10.82
CA TRP A 196 -2.58 22.61 -11.09
C TRP A 196 -3.93 23.19 -10.69
N MET A 197 -5.01 22.45 -10.90
CA MET A 197 -6.34 22.90 -10.52
C MET A 197 -6.39 23.06 -8.98
N GLY A 198 -5.84 22.08 -8.27
CA GLY A 198 -5.83 22.13 -6.82
C GLY A 198 -5.09 23.34 -6.30
N TYR A 199 -3.91 23.59 -6.86
CA TYR A 199 -3.11 24.72 -6.44
C TYR A 199 -3.79 26.06 -6.73
N LYS A 200 -4.35 26.21 -7.92
CA LYS A 200 -5.03 27.47 -8.23
C LYS A 200 -6.21 27.68 -7.29
N ALA A 201 -6.97 26.62 -7.04
CA ALA A 201 -8.14 26.72 -6.16
C ALA A 201 -7.75 27.13 -4.74
N TYR A 202 -6.70 26.51 -4.20
CA TYR A 202 -6.25 26.82 -2.84
C TYR A 202 -5.66 28.21 -2.76
N HIS A 203 -5.08 28.66 -3.87
CA HIS A 203 -4.49 29.99 -3.95
C HIS A 203 -5.64 31.02 -3.87
N ALA A 204 -6.67 30.83 -4.69
CA ALA A 204 -7.81 31.72 -4.69
C ALA A 204 -8.47 31.74 -3.31
N LEU A 205 -8.49 30.57 -2.68
CA LEU A 205 -9.08 30.43 -1.36
C LEU A 205 -8.22 31.17 -0.34
N GLY A 206 -6.99 31.49 -0.74
CA GLY A 206 -6.09 32.20 0.14
C GLY A 206 -5.22 31.35 1.05
N LYS A 207 -5.41 30.04 1.02
CA LYS A 207 -4.61 29.16 1.87
C LYS A 207 -3.20 28.95 1.34
N ALA A 208 -3.00 29.22 0.06
CA ALA A 208 -1.69 29.09 -0.56
C ALA A 208 -1.29 30.49 -1.04
N LYS A 209 -0.20 31.01 -0.50
CA LYS A 209 0.27 32.34 -0.89
C LYS A 209 0.92 32.32 -2.26
N ARG A 210 1.67 31.27 -2.58
CA ARG A 210 2.29 31.20 -3.88
C ARG A 210 1.77 30.04 -4.71
N LEU A 211 2.14 30.06 -5.98
CA LEU A 211 1.76 29.01 -6.92
C LEU A 211 3.04 28.32 -7.34
N PRO A 212 3.06 26.98 -7.31
CA PRO A 212 4.27 26.26 -7.70
C PRO A 212 4.43 26.16 -9.21
N ARG A 213 5.64 25.89 -9.64
CA ARG A 213 5.90 25.69 -11.06
C ARG A 213 5.74 24.18 -11.20
N MET A 214 4.84 23.74 -12.08
CA MET A 214 4.62 22.32 -12.27
C MET A 214 5.71 21.71 -13.14
N LEU A 215 6.29 20.61 -12.68
CA LEU A 215 7.33 19.94 -13.43
C LEU A 215 6.86 18.54 -13.83
N GLY A 216 6.39 18.41 -15.07
CA GLY A 216 5.92 17.13 -15.56
C GLY A 216 7.03 16.38 -16.28
N PHE A 217 7.10 15.07 -16.09
CA PHE A 217 8.12 14.28 -16.77
C PHE A 217 7.54 13.04 -17.41
N GLN A 218 8.01 12.75 -18.62
CA GLN A 218 7.55 11.59 -19.36
C GLN A 218 8.75 10.75 -19.72
N ALA A 219 8.53 9.47 -19.94
CA ALA A 219 9.60 8.58 -20.35
C ALA A 219 9.96 8.99 -21.78
N ALA A 220 11.24 8.99 -22.11
CA ALA A 220 11.71 9.37 -23.44
C ALA A 220 10.99 8.63 -24.59
N GLY A 221 10.70 7.35 -24.39
CA GLY A 221 10.02 6.55 -25.40
C GLY A 221 8.52 6.77 -25.53
N ALA A 222 7.97 7.64 -24.69
CA ALA A 222 6.54 7.96 -24.74
C ALA A 222 6.40 9.42 -24.28
N ALA A 223 6.98 10.33 -25.06
CA ALA A 223 6.97 11.75 -24.70
C ALA A 223 6.25 12.70 -25.64
N PRO A 224 4.96 12.43 -25.93
CA PRO A 224 4.23 13.32 -26.83
C PRO A 224 4.15 14.78 -26.38
N LEU A 225 4.04 15.00 -25.06
CA LEU A 225 3.96 16.37 -24.55
C LEU A 225 5.32 17.06 -24.53
N VAL A 226 6.39 16.30 -24.72
CA VAL A 226 7.72 16.89 -24.76
C VAL A 226 7.99 17.18 -26.23
N LEU A 227 7.67 16.21 -27.08
CA LEU A 227 7.86 16.31 -28.51
C LEU A 227 6.89 17.29 -29.17
N GLY A 228 5.74 17.50 -28.54
CA GLY A 228 4.74 18.40 -29.09
C GLY A 228 3.93 17.77 -30.20
N ARG A 229 3.87 16.44 -30.19
CA ARG A 229 3.13 15.68 -31.20
C ARG A 229 2.83 14.30 -30.62
N PRO A 230 1.74 13.67 -31.09
CA PRO A 230 1.42 12.33 -30.58
C PRO A 230 2.48 11.30 -30.94
N VAL A 231 2.56 10.24 -30.15
CA VAL A 231 3.51 9.16 -30.38
C VAL A 231 2.70 7.90 -30.65
N GLU A 232 2.80 7.40 -31.88
CA GLU A 232 2.06 6.21 -32.28
C GLU A 232 2.60 4.94 -31.64
N ARG A 233 3.91 4.87 -31.42
CA ARG A 233 4.51 3.68 -30.84
C ARG A 233 5.19 3.96 -29.50
N PRO A 234 4.40 4.25 -28.45
CA PRO A 234 5.01 4.52 -27.15
C PRO A 234 5.62 3.25 -26.56
N GLU A 235 6.68 3.43 -25.78
CA GLU A 235 7.33 2.30 -25.14
C GLU A 235 8.18 2.78 -23.97
N THR A 236 8.15 2.00 -22.89
CA THR A 236 8.90 2.32 -21.68
C THR A 236 8.61 1.30 -20.60
N LEU A 237 9.57 1.08 -19.71
CA LEU A 237 9.38 0.16 -18.62
C LEU A 237 8.38 0.78 -17.63
N ALA A 238 8.18 2.09 -17.73
CA ALA A 238 7.23 2.81 -16.85
C ALA A 238 5.82 2.71 -17.42
N THR A 239 5.26 1.51 -17.32
CA THR A 239 3.94 1.20 -17.82
C THR A 239 2.84 2.25 -17.63
N ALA A 240 2.75 2.82 -16.43
CA ALA A 240 1.71 3.80 -16.13
C ALA A 240 1.74 5.06 -17.00
N ILE A 241 2.88 5.37 -17.59
CA ILE A 241 2.93 6.54 -18.44
C ILE A 241 3.29 6.18 -19.88
N ARG A 242 3.06 4.93 -20.26
CA ARG A 242 3.32 4.43 -21.62
C ARG A 242 2.12 4.90 -22.44
N ILE A 243 2.07 6.20 -22.67
CA ILE A 243 0.95 6.84 -23.38
C ILE A 243 1.42 7.73 -24.53
N GLY A 244 0.91 7.46 -25.72
CA GLY A 244 1.28 8.25 -26.90
C GLY A 244 0.33 9.39 -27.24
N ASN A 245 -0.89 9.35 -26.71
CA ASN A 245 -1.86 10.40 -26.99
C ASN A 245 -2.61 10.78 -25.72
N PRO A 246 -2.00 11.60 -24.86
CA PRO A 246 -2.64 12.02 -23.61
C PRO A 246 -4.07 12.55 -23.75
N ALA A 247 -4.98 11.96 -22.98
CA ALA A 247 -6.39 12.34 -23.01
C ALA A 247 -6.60 13.79 -22.57
N SER A 248 -5.82 14.24 -21.58
CA SER A 248 -5.93 15.60 -21.10
C SER A 248 -4.77 16.45 -21.64
N TRP A 249 -4.53 16.34 -22.95
CA TRP A 249 -3.46 17.08 -23.60
C TRP A 249 -3.53 18.57 -23.30
N GLN A 250 -4.67 19.19 -23.59
CA GLN A 250 -4.82 20.62 -23.36
C GLN A 250 -4.62 21.01 -21.90
N GLY A 251 -5.18 20.23 -20.99
CA GLY A 251 -5.03 20.53 -19.58
C GLY A 251 -3.57 20.58 -19.15
N ALA A 252 -2.76 19.68 -19.70
CA ALA A 252 -1.35 19.62 -19.36
C ALA A 252 -0.63 20.88 -19.83
N VAL A 253 -0.87 21.27 -21.08
CA VAL A 253 -0.23 22.44 -21.65
C VAL A 253 -0.61 23.70 -20.87
N ARG A 254 -1.85 23.79 -20.42
CA ARG A 254 -2.27 24.96 -19.65
C ARG A 254 -1.55 24.97 -18.31
N ALA A 255 -1.53 23.81 -17.64
CA ALA A 255 -0.87 23.70 -16.35
C ALA A 255 0.59 24.13 -16.49
N LYS A 256 1.28 23.56 -17.48
CA LYS A 256 2.67 23.88 -17.73
C LYS A 256 2.89 25.38 -17.93
N GLU A 257 2.13 25.96 -18.85
CA GLU A 257 2.25 27.37 -19.16
C GLU A 257 1.88 28.32 -18.04
N GLU A 258 0.69 28.15 -17.47
CA GLU A 258 0.23 29.01 -16.39
C GLU A 258 1.14 28.95 -15.16
N SER A 259 1.67 27.76 -14.85
CA SER A 259 2.53 27.60 -13.68
C SER A 259 3.97 28.01 -13.91
N GLY A 260 4.32 28.28 -15.17
CA GLY A 260 5.68 28.65 -15.48
C GLY A 260 6.59 27.44 -15.31
N GLY A 261 6.03 26.25 -15.57
CA GLY A 261 6.80 25.02 -15.42
C GLY A 261 7.25 24.40 -16.74
N VAL A 262 7.41 23.08 -16.75
CA VAL A 262 7.84 22.36 -17.94
C VAL A 262 7.33 20.91 -17.94
N ILE A 263 7.44 20.28 -19.10
CA ILE A 263 7.09 18.88 -19.26
C ILE A 263 8.25 18.38 -20.11
N GLU A 264 9.17 17.69 -19.47
CA GLU A 264 10.35 17.17 -20.14
C GLU A 264 10.47 15.66 -20.08
N ALA A 265 11.49 15.14 -20.74
CA ALA A 265 11.70 13.71 -20.79
C ALA A 265 12.89 13.20 -20.00
N VAL A 266 12.75 11.97 -19.52
CA VAL A 266 13.79 11.26 -18.79
C VAL A 266 13.85 9.87 -19.42
N THR A 267 15.05 9.31 -19.56
CA THR A 267 15.20 7.99 -20.18
C THR A 267 14.86 6.86 -19.20
N ASP A 268 14.65 5.66 -19.73
CA ASP A 268 14.34 4.52 -18.89
C ASP A 268 15.49 4.27 -17.91
N GLU A 269 16.73 4.48 -18.37
CA GLU A 269 17.90 4.30 -17.52
C GLU A 269 17.81 5.30 -16.37
N GLU A 270 17.42 6.54 -16.70
CA GLU A 270 17.28 7.59 -15.69
C GLU A 270 16.14 7.25 -14.72
N ILE A 271 15.07 6.68 -15.24
CA ILE A 271 13.92 6.30 -14.43
C ILE A 271 14.34 5.16 -13.50
N LEU A 272 15.05 4.19 -14.05
CA LEU A 272 15.53 3.04 -13.28
C LEU A 272 16.48 3.51 -12.17
N PHE A 273 17.34 4.46 -12.49
CA PHE A 273 18.29 4.98 -11.51
C PHE A 273 17.53 5.60 -10.33
N ALA A 274 16.61 6.51 -10.62
CA ALA A 274 15.83 7.17 -9.58
C ALA A 274 15.01 6.14 -8.79
N TYR A 275 14.53 5.13 -9.49
CA TYR A 275 13.74 4.06 -8.90
C TYR A 275 14.58 3.37 -7.81
N ARG A 276 15.81 2.99 -8.15
CA ARG A 276 16.72 2.35 -7.21
C ARG A 276 17.08 3.30 -6.07
N TYR A 277 17.34 4.55 -6.42
CA TYR A 277 17.71 5.56 -5.45
C TYR A 277 16.65 5.71 -4.34
N LEU A 278 15.39 5.79 -4.73
CA LEU A 278 14.32 5.95 -3.76
C LEU A 278 14.24 4.73 -2.84
N ALA A 279 14.41 3.55 -3.41
CA ALA A 279 14.34 2.33 -2.63
C ALA A 279 15.54 2.11 -1.69
N ARG A 280 16.75 2.21 -2.26
CA ARG A 280 17.98 1.99 -1.51
C ARG A 280 18.44 3.11 -0.59
N GLU A 281 18.14 4.35 -0.95
CA GLU A 281 18.58 5.49 -0.15
C GLU A 281 17.50 6.13 0.72
N GLU A 282 16.26 6.18 0.25
CA GLU A 282 15.19 6.80 1.04
C GLU A 282 14.27 5.75 1.69
N GLY A 283 14.37 4.50 1.25
CA GLY A 283 13.54 3.44 1.80
C GLY A 283 12.10 3.52 1.29
N ILE A 284 11.93 4.14 0.13
CA ILE A 284 10.61 4.30 -0.51
C ILE A 284 10.53 3.46 -1.79
N PHE A 285 9.61 2.51 -1.80
CA PHE A 285 9.40 1.61 -2.94
C PHE A 285 8.22 2.08 -3.77
N CYS A 286 8.48 2.64 -4.95
CA CYS A 286 7.42 3.13 -5.82
C CYS A 286 7.50 2.53 -7.24
N GLU A 287 6.44 2.71 -8.01
CA GLU A 287 6.37 2.23 -9.38
C GLU A 287 7.38 2.98 -10.24
N PRO A 288 7.89 2.32 -11.30
CA PRO A 288 8.87 2.97 -12.19
C PRO A 288 8.34 4.31 -12.72
N ALA A 289 7.07 4.34 -13.10
CA ALA A 289 6.46 5.57 -13.61
C ALA A 289 6.57 6.67 -12.57
N SER A 290 6.31 6.32 -11.31
CA SER A 290 6.40 7.27 -10.22
C SER A 290 7.85 7.77 -10.09
N ALA A 291 8.80 6.85 -10.26
CA ALA A 291 10.22 7.17 -10.18
C ALA A 291 10.63 8.23 -11.20
N ALA A 292 9.87 8.32 -12.30
CA ALA A 292 10.16 9.29 -13.35
C ALA A 292 10.19 10.71 -12.79
N ALA A 293 9.37 10.96 -11.77
CA ALA A 293 9.33 12.28 -11.16
C ALA A 293 10.67 12.59 -10.48
N MET A 294 11.23 11.59 -9.81
CA MET A 294 12.51 11.77 -9.13
C MET A 294 13.61 11.88 -10.18
N ALA A 295 13.49 11.13 -11.26
CA ALA A 295 14.47 11.20 -12.34
C ALA A 295 14.43 12.62 -12.88
N GLY A 296 13.22 13.17 -12.96
CA GLY A 296 13.06 14.53 -13.44
C GLY A 296 13.79 15.54 -12.57
N VAL A 297 13.74 15.36 -11.26
CA VAL A 297 14.42 16.27 -10.34
C VAL A 297 15.94 16.12 -10.46
N PHE A 298 16.41 14.88 -10.64
CA PHE A 298 17.84 14.62 -10.81
C PHE A 298 18.33 15.36 -12.07
N LYS A 299 17.53 15.29 -13.14
CA LYS A 299 17.84 15.94 -14.40
C LYS A 299 18.00 17.45 -14.24
N LEU A 300 17.01 18.11 -13.65
CA LEU A 300 17.09 19.55 -13.45
C LEU A 300 18.20 19.94 -12.47
N LEU A 301 18.50 19.08 -11.50
CA LEU A 301 19.56 19.39 -10.57
C LEU A 301 20.90 19.36 -11.33
N ARG A 302 21.10 18.34 -12.15
CA ARG A 302 22.34 18.24 -12.93
C ARG A 302 22.47 19.44 -13.87
N GLU A 303 21.33 19.95 -14.33
CA GLU A 303 21.34 21.09 -15.24
C GLU A 303 21.31 22.44 -14.52
N GLY A 304 21.39 22.41 -13.20
CA GLY A 304 21.38 23.64 -12.43
C GLY A 304 20.13 24.50 -12.61
N ARG A 305 19.00 23.87 -12.89
CA ARG A 305 17.78 24.62 -13.09
C ARG A 305 16.79 24.72 -11.92
N LEU A 306 17.20 24.35 -10.72
CA LEU A 306 16.34 24.48 -9.55
C LEU A 306 16.96 25.55 -8.66
N GLU A 307 16.18 26.56 -8.28
CA GLU A 307 16.71 27.63 -7.43
C GLU A 307 17.13 27.11 -6.06
N PRO A 308 18.29 27.57 -5.56
CA PRO A 308 18.80 27.16 -4.25
C PRO A 308 17.82 27.53 -3.15
N GLU A 309 17.86 26.80 -2.04
CA GLU A 309 16.99 27.06 -0.89
C GLU A 309 15.50 26.88 -1.16
N SER A 310 15.16 26.20 -2.26
CA SER A 310 13.75 25.98 -2.60
C SER A 310 13.21 24.65 -2.06
N THR A 311 11.90 24.49 -2.18
CA THR A 311 11.21 23.29 -1.76
C THR A 311 10.65 22.60 -2.99
N VAL A 312 10.86 21.29 -3.08
CA VAL A 312 10.36 20.51 -4.21
C VAL A 312 9.52 19.36 -3.71
N VAL A 313 8.29 19.26 -4.20
CA VAL A 313 7.42 18.15 -3.81
C VAL A 313 7.30 17.23 -5.02
N LEU A 314 7.41 15.93 -4.78
CA LEU A 314 7.29 14.93 -5.84
C LEU A 314 6.10 14.05 -5.54
N THR A 315 5.25 13.83 -6.54
CA THR A 315 4.12 12.96 -6.35
C THR A 315 4.53 11.58 -6.84
N LEU A 316 4.80 10.68 -5.90
CA LEU A 316 5.17 9.32 -6.24
C LEU A 316 3.80 8.65 -6.35
N THR A 317 3.37 8.52 -7.59
CA THR A 317 2.06 7.99 -7.95
C THR A 317 1.62 6.58 -7.56
N GLY A 318 2.53 5.62 -7.53
CA GLY A 318 2.14 4.27 -7.20
C GLY A 318 3.13 3.50 -6.34
N HIS A 319 2.66 2.40 -5.76
CA HIS A 319 3.50 1.57 -4.92
C HIS A 319 4.34 0.60 -5.75
N GLY A 320 5.58 0.37 -5.31
CA GLY A 320 6.46 -0.55 -6.00
C GLY A 320 5.84 -1.92 -6.23
N LEU A 321 4.98 -2.33 -5.30
CA LEU A 321 4.32 -3.63 -5.40
C LEU A 321 3.38 -3.73 -6.60
N LYS A 322 3.13 -2.61 -7.26
CA LYS A 322 2.27 -2.62 -8.45
C LYS A 322 2.99 -3.30 -9.62
N ASP A 323 4.32 -3.26 -9.58
CA ASP A 323 5.13 -3.81 -10.66
C ASP A 323 6.29 -4.66 -10.17
N PRO A 324 5.98 -5.83 -9.58
CA PRO A 324 7.03 -6.73 -9.07
C PRO A 324 8.02 -7.15 -10.16
N ALA A 325 7.53 -7.33 -11.37
CA ALA A 325 8.38 -7.73 -12.48
C ALA A 325 9.65 -6.90 -12.56
N THR A 326 9.51 -5.57 -12.52
CA THR A 326 10.65 -4.67 -12.61
C THR A 326 11.59 -4.82 -11.42
N ALA A 327 11.09 -5.40 -10.33
CA ALA A 327 11.92 -5.59 -9.14
C ALA A 327 12.45 -7.01 -9.07
N GLU A 328 12.01 -7.87 -9.99
CA GLU A 328 12.45 -9.26 -9.94
C GLU A 328 13.38 -9.73 -11.04
N ARG A 329 14.37 -8.92 -11.34
CA ARG A 329 15.36 -9.29 -12.34
C ARG A 329 16.23 -10.34 -11.68
N VAL A 330 16.70 -11.34 -12.44
CA VAL A 330 17.54 -12.39 -11.87
C VAL A 330 18.60 -11.72 -10.97
N ALA A 331 18.49 -11.95 -9.66
CA ALA A 331 19.38 -11.35 -8.67
C ALA A 331 20.86 -11.77 -8.72
N GLU A 332 21.14 -13.02 -9.06
CA GLU A 332 22.52 -13.46 -9.10
C GLU A 332 23.16 -13.22 -7.73
N LEU A 333 22.66 -13.95 -6.73
CA LEU A 333 23.11 -13.84 -5.35
C LEU A 333 24.34 -14.72 -5.10
N PRO A 334 25.19 -14.34 -4.14
CA PRO A 334 26.37 -15.19 -3.89
C PRO A 334 25.90 -16.62 -3.65
N PRO A 335 26.79 -17.60 -3.84
CA PRO A 335 26.39 -18.99 -3.60
C PRO A 335 26.23 -19.19 -2.10
N PRO A 336 25.42 -20.17 -1.69
CA PRO A 336 25.26 -20.40 -0.26
C PRO A 336 26.60 -20.68 0.39
N VAL A 337 26.67 -20.43 1.70
CA VAL A 337 27.91 -20.66 2.44
C VAL A 337 27.61 -21.69 3.51
N PRO A 338 28.65 -22.39 4.01
CA PRO A 338 28.43 -23.39 5.04
C PRO A 338 27.66 -22.77 6.22
N ALA A 339 26.90 -23.57 6.95
CA ALA A 339 26.16 -23.07 8.10
C ALA A 339 27.15 -22.77 9.22
N ARG A 340 28.10 -21.88 8.95
CA ARG A 340 29.11 -21.49 9.94
C ARG A 340 29.02 -19.99 10.15
N LEU A 341 28.97 -19.56 11.40
CA LEU A 341 28.86 -18.14 11.72
C LEU A 341 29.85 -17.26 10.97
N GLU A 342 31.14 -17.59 11.04
CA GLU A 342 32.15 -16.78 10.37
C GLU A 342 31.89 -16.67 8.87
N ALA A 343 31.42 -17.77 8.28
CA ALA A 343 31.13 -17.80 6.85
C ALA A 343 29.96 -16.85 6.59
N VAL A 344 28.97 -16.90 7.47
CA VAL A 344 27.80 -16.04 7.35
C VAL A 344 28.15 -14.55 7.47
N ALA A 345 28.91 -14.21 8.50
CA ALA A 345 29.31 -12.81 8.70
C ALA A 345 30.15 -12.34 7.52
N ALA A 346 30.95 -13.25 6.95
CA ALA A 346 31.78 -12.93 5.81
C ALA A 346 30.88 -12.65 4.62
N ALA A 347 29.91 -13.52 4.40
CA ALA A 347 28.96 -13.37 3.30
C ALA A 347 28.10 -12.12 3.49
N ALA A 348 27.81 -11.76 4.74
CA ALA A 348 27.01 -10.59 5.03
C ALA A 348 27.84 -9.32 4.89
N GLY A 349 29.15 -9.51 4.70
CA GLY A 349 30.05 -8.37 4.54
C GLY A 349 30.43 -7.69 5.85
N LEU A 350 30.28 -8.40 6.96
CA LEU A 350 30.60 -7.84 8.27
C LEU A 350 32.07 -8.03 8.67
N LEU A 351 32.81 -8.81 7.88
CA LEU A 351 34.22 -9.03 8.19
C LEU A 351 35.16 -8.21 7.32
N PRO B 4 5.44 11.55 12.61
CA PRO B 4 6.12 10.23 12.69
C PRO B 4 5.55 9.46 13.88
N LEU B 5 5.29 8.18 13.69
CA LEU B 5 4.73 7.33 14.74
C LEU B 5 5.45 7.48 16.09
N ILE B 6 6.78 7.42 16.07
CA ILE B 6 7.59 7.53 17.28
C ILE B 6 7.42 8.87 17.98
N GLU B 7 7.12 9.93 17.22
CA GLU B 7 6.94 11.25 17.78
C GLU B 7 5.54 11.36 18.35
N ARG B 8 4.58 10.80 17.61
CA ARG B 8 3.18 10.82 18.00
C ARG B 8 2.98 10.19 19.37
N TYR B 9 3.68 9.11 19.65
CA TYR B 9 3.53 8.42 20.93
C TYR B 9 4.82 8.42 21.74
N ARG B 10 5.60 9.48 21.56
CA ARG B 10 6.88 9.64 22.21
C ARG B 10 6.84 9.33 23.71
N ASN B 11 5.90 9.91 24.43
CA ASN B 11 5.80 9.69 25.88
C ASN B 11 5.43 8.28 26.30
N LEU B 12 4.96 7.46 25.36
CA LEU B 12 4.55 6.09 25.68
C LEU B 12 5.48 5.02 25.10
N LEU B 13 6.60 5.47 24.53
CA LEU B 13 7.56 4.54 23.94
C LEU B 13 8.95 4.70 24.56
N PRO B 14 9.80 3.68 24.41
CA PRO B 14 11.16 3.71 24.95
C PRO B 14 12.13 4.54 24.11
N VAL B 15 11.91 5.84 24.06
CA VAL B 15 12.75 6.73 23.28
C VAL B 15 13.06 7.98 24.09
N SER B 16 14.07 8.72 23.64
CA SER B 16 14.48 9.95 24.30
C SER B 16 15.01 10.89 23.23
N GLU B 17 15.41 12.09 23.63
CA GLU B 17 15.95 13.04 22.68
C GLU B 17 17.18 12.47 21.96
N LYS B 18 17.77 11.42 22.53
CA LYS B 18 18.95 10.78 21.95
C LYS B 18 18.59 9.78 20.86
N THR B 19 17.31 9.46 20.74
CA THR B 19 16.89 8.49 19.75
C THR B 19 16.76 9.09 18.36
N PRO B 20 17.55 8.58 17.40
CA PRO B 20 17.44 9.12 16.04
C PRO B 20 16.17 8.48 15.46
N VAL B 21 15.24 9.31 15.00
CA VAL B 21 13.99 8.80 14.45
C VAL B 21 14.10 8.37 12.99
N ILE B 22 14.03 7.07 12.76
CA ILE B 22 14.10 6.51 11.42
C ILE B 22 12.65 6.18 11.07
N SER B 23 12.02 7.06 10.31
CA SER B 23 10.62 6.91 9.96
C SER B 23 10.30 7.10 8.48
N LEU B 24 9.32 6.33 8.02
CA LEU B 24 8.85 6.43 6.64
C LEU B 24 7.40 6.93 6.76
N LEU B 25 7.11 7.51 7.92
CA LEU B 25 5.78 8.04 8.24
C LEU B 25 4.72 6.94 8.27
N GLU B 26 5.12 5.80 8.81
CA GLU B 26 4.26 4.63 8.98
C GLU B 26 3.17 4.96 10.00
N GLY B 27 2.22 4.04 10.21
CA GLY B 27 1.17 4.29 11.17
C GLY B 27 0.07 5.20 10.63
N SER B 28 -0.82 5.62 11.51
CA SER B 28 -1.94 6.50 11.15
C SER B 28 -2.66 5.94 9.92
N THR B 29 -2.93 4.65 9.96
CA THR B 29 -3.60 3.97 8.88
C THR B 29 -5.11 4.12 9.01
N PRO B 30 -5.84 3.91 7.90
CA PRO B 30 -7.31 4.03 7.90
C PRO B 30 -8.04 2.98 8.73
N LEU B 31 -9.04 3.43 9.48
CA LEU B 31 -9.89 2.54 10.26
C LEU B 31 -11.19 2.59 9.46
N ILE B 32 -11.29 1.70 8.47
CA ILE B 32 -12.42 1.65 7.56
C ILE B 32 -13.64 0.91 8.11
N PRO B 33 -14.77 1.63 8.26
CA PRO B 33 -15.99 1.00 8.77
C PRO B 33 -16.58 0.08 7.70
N LEU B 34 -16.75 -1.20 8.03
CA LEU B 34 -17.30 -2.15 7.08
C LEU B 34 -18.82 -2.04 6.96
N LYS B 35 -19.33 -2.28 5.76
CA LYS B 35 -20.76 -2.22 5.52
C LYS B 35 -21.43 -3.41 6.22
N GLY B 36 -20.80 -4.57 6.15
CA GLY B 36 -21.40 -5.75 6.76
C GLY B 36 -20.46 -6.59 7.58
N PRO B 37 -20.57 -7.93 7.47
CA PRO B 37 -21.56 -8.57 6.60
C PRO B 37 -23.00 -8.47 7.13
N GLU B 38 -23.94 -9.07 6.41
CA GLU B 38 -25.35 -9.04 6.79
C GLU B 38 -25.54 -9.66 8.17
N GLU B 39 -24.82 -10.75 8.41
CA GLU B 39 -24.89 -11.44 9.68
C GLU B 39 -24.62 -10.46 10.83
N ALA B 40 -23.74 -9.50 10.60
CA ALA B 40 -23.41 -8.50 11.61
C ALA B 40 -24.45 -7.40 11.68
N ARG B 41 -24.86 -6.87 10.53
CA ARG B 41 -25.87 -5.82 10.47
C ARG B 41 -27.13 -6.34 11.17
N LYS B 42 -27.42 -7.62 10.97
CA LYS B 42 -28.61 -8.24 11.56
C LYS B 42 -28.64 -8.03 13.08
N LYS B 43 -27.47 -8.05 13.73
CA LYS B 43 -27.41 -7.87 15.18
C LYS B 43 -26.80 -6.53 15.61
N GLY B 44 -26.83 -5.55 14.71
CA GLY B 44 -26.27 -4.25 15.04
C GLY B 44 -24.80 -4.27 15.42
N ILE B 45 -24.09 -5.33 15.03
CA ILE B 45 -22.66 -5.45 15.32
C ILE B 45 -21.87 -4.71 14.26
N ARG B 46 -21.18 -3.65 14.65
CA ARG B 46 -20.39 -2.84 13.73
C ARG B 46 -18.94 -3.29 13.59
N LEU B 47 -18.49 -3.42 12.34
CA LEU B 47 -17.12 -3.82 12.07
C LEU B 47 -16.26 -2.71 11.48
N TYR B 48 -15.01 -2.64 11.92
CA TYR B 48 -14.05 -1.66 11.43
C TYR B 48 -12.77 -2.39 11.07
N ALA B 49 -12.22 -2.06 9.91
CA ALA B 49 -10.99 -2.68 9.45
C ALA B 49 -9.80 -1.73 9.52
N LYS B 50 -8.86 -2.05 10.41
CA LYS B 50 -7.64 -1.25 10.55
C LYS B 50 -6.75 -1.79 9.42
N TYR B 51 -6.69 -1.04 8.33
CA TYR B 51 -5.97 -1.40 7.11
C TYR B 51 -4.46 -1.17 7.14
N GLU B 52 -3.74 -2.09 7.78
CA GLU B 52 -2.28 -1.99 7.91
C GLU B 52 -1.54 -2.24 6.59
N GLY B 53 -2.28 -2.63 5.55
CA GLY B 53 -1.65 -2.87 4.27
C GLY B 53 -1.18 -1.56 3.67
N LEU B 54 -1.64 -0.44 4.23
CA LEU B 54 -1.27 0.88 3.74
C LEU B 54 -0.07 1.52 4.44
N ASN B 55 0.74 0.70 5.09
CA ASN B 55 1.95 1.17 5.74
C ASN B 55 2.99 1.21 4.61
N PRO B 56 4.10 1.94 4.81
CA PRO B 56 5.17 2.07 3.82
C PRO B 56 5.54 0.82 3.02
N THR B 57 5.72 -0.32 3.68
CA THR B 57 6.09 -1.52 2.95
C THR B 57 4.95 -2.51 2.71
N GLY B 58 3.74 -2.13 3.10
CA GLY B 58 2.60 -3.00 2.88
C GLY B 58 2.14 -3.92 3.99
N SER B 59 2.69 -3.73 5.20
CA SER B 59 2.29 -4.55 6.36
C SER B 59 2.49 -3.78 7.66
N PHE B 60 1.82 -4.23 8.71
CA PHE B 60 1.88 -3.62 10.02
C PHE B 60 3.28 -3.63 10.65
N LYS B 61 4.09 -4.59 10.21
CA LYS B 61 5.43 -4.72 10.75
C LYS B 61 6.25 -3.43 10.77
N ASP B 62 5.92 -2.48 9.88
CA ASP B 62 6.63 -1.20 9.84
C ASP B 62 6.50 -0.47 11.18
N ARG B 63 5.39 -0.72 11.88
CA ARG B 63 5.17 -0.09 13.18
C ARG B 63 6.27 -0.49 14.13
N GLY B 64 6.61 -1.77 14.12
CA GLY B 64 7.65 -2.27 14.99
C GLY B 64 9.05 -1.98 14.47
N MET B 65 9.20 -1.99 13.15
CA MET B 65 10.51 -1.78 12.54
C MET B 65 11.05 -0.37 12.75
N THR B 66 10.18 0.63 12.64
CA THR B 66 10.63 2.01 12.83
C THR B 66 11.25 2.15 14.21
N LEU B 67 10.64 1.55 15.22
CA LEU B 67 11.17 1.64 16.57
C LEU B 67 12.42 0.76 16.76
N ALA B 68 12.39 -0.45 16.24
CA ALA B 68 13.52 -1.35 16.38
C ALA B 68 14.78 -0.81 15.68
N VAL B 69 14.62 -0.29 14.47
CA VAL B 69 15.76 0.25 13.74
C VAL B 69 16.27 1.55 14.37
N SER B 70 15.35 2.40 14.80
CA SER B 70 15.73 3.66 15.43
C SER B 70 16.55 3.40 16.69
N LYS B 71 16.12 2.43 17.49
CA LYS B 71 16.84 2.10 18.71
C LYS B 71 18.16 1.44 18.36
N ALA B 72 18.14 0.59 17.34
CA ALA B 72 19.36 -0.09 16.88
C ALA B 72 20.42 0.95 16.53
N VAL B 73 20.02 1.98 15.77
CA VAL B 73 20.95 3.04 15.39
C VAL B 73 21.40 3.81 16.62
N GLU B 74 20.51 3.97 17.60
CA GLU B 74 20.85 4.68 18.82
C GLU B 74 22.01 3.95 19.51
N GLY B 75 22.03 2.64 19.35
CA GLY B 75 23.10 1.84 19.94
C GLY B 75 24.29 1.71 19.02
N GLY B 76 24.24 2.37 17.86
CA GLY B 76 25.33 2.30 16.93
C GLY B 76 25.38 1.04 16.07
N ALA B 77 24.25 0.34 15.99
CA ALA B 77 24.17 -0.88 15.19
C ALA B 77 24.58 -0.59 13.76
N GLN B 78 25.39 -1.47 13.17
CA GLN B 78 25.85 -1.28 11.80
C GLN B 78 24.89 -2.00 10.85
N ALA B 79 23.98 -2.77 11.41
CA ALA B 79 23.02 -3.52 10.62
C ALA B 79 21.91 -4.16 11.46
N VAL B 80 20.86 -4.60 10.77
CA VAL B 80 19.75 -5.31 11.41
C VAL B 80 19.65 -6.64 10.66
N ALA B 81 19.14 -7.68 11.31
CA ALA B 81 19.03 -8.98 10.65
C ALA B 81 17.79 -9.76 11.06
N CYS B 82 17.39 -10.70 10.21
CA CYS B 82 16.24 -11.54 10.48
C CYS B 82 16.42 -12.85 9.74
N ALA B 83 15.79 -13.90 10.24
CA ALA B 83 15.89 -15.21 9.61
C ALA B 83 14.57 -15.56 8.93
N SER B 84 14.11 -14.70 8.03
CA SER B 84 12.85 -14.95 7.34
C SER B 84 12.71 -14.22 6.02
N THR B 85 11.78 -14.68 5.20
CA THR B 85 11.50 -14.04 3.92
C THR B 85 10.19 -13.30 4.15
N GLY B 86 9.69 -12.62 3.13
CA GLY B 86 8.43 -11.92 3.31
C GLY B 86 8.46 -10.54 3.91
N ASN B 87 7.40 -10.23 4.66
CA ASN B 87 7.19 -8.92 5.25
C ASN B 87 8.22 -8.40 6.26
N THR B 88 8.77 -9.27 7.09
CA THR B 88 9.77 -8.80 8.05
C THR B 88 11.01 -8.37 7.28
N ALA B 89 11.45 -9.20 6.34
CA ALA B 89 12.62 -8.90 5.53
C ALA B 89 12.43 -7.57 4.80
N ALA B 90 11.28 -7.41 4.15
CA ALA B 90 10.97 -6.19 3.42
C ALA B 90 10.94 -4.94 4.32
N SER B 91 10.27 -5.04 5.46
CA SER B 91 10.18 -3.91 6.37
C SER B 91 11.57 -3.55 6.90
N ALA B 92 12.32 -4.57 7.32
CA ALA B 92 13.67 -4.37 7.83
C ALA B 92 14.57 -3.71 6.77
N ALA B 93 14.50 -4.20 5.54
CA ALA B 93 15.30 -3.66 4.45
C ALA B 93 14.99 -2.19 4.14
N ALA B 94 13.70 -1.84 4.13
CA ALA B 94 13.29 -0.47 3.85
C ALA B 94 13.79 0.52 4.90
N TYR B 95 13.65 0.15 6.18
CA TYR B 95 14.10 1.02 7.25
C TYR B 95 15.63 1.04 7.36
N ALA B 96 16.27 -0.06 6.97
CA ALA B 96 17.74 -0.13 6.99
C ALA B 96 18.23 0.88 5.96
N ALA B 97 17.60 0.85 4.79
CA ALA B 97 17.95 1.76 3.71
C ALA B 97 17.73 3.19 4.19
N ARG B 98 16.59 3.42 4.84
CA ARG B 98 16.25 4.74 5.35
C ARG B 98 17.34 5.22 6.30
N ALA B 99 17.77 4.34 7.21
CA ALA B 99 18.80 4.68 8.19
C ALA B 99 20.24 4.68 7.66
N GLY B 100 20.48 4.08 6.50
CA GLY B 100 21.83 4.04 5.98
C GLY B 100 22.66 2.89 6.54
N ILE B 101 22.02 1.82 6.99
CA ILE B 101 22.74 0.67 7.53
C ILE B 101 22.34 -0.59 6.76
N LEU B 102 23.03 -1.69 7.02
CA LEU B 102 22.72 -2.94 6.30
C LEU B 102 21.54 -3.71 6.87
N ALA B 103 20.85 -4.41 5.97
CA ALA B 103 19.74 -5.27 6.34
C ALA B 103 20.24 -6.63 5.90
N ILE B 104 20.31 -7.57 6.83
CA ILE B 104 20.80 -8.91 6.52
C ILE B 104 19.68 -9.95 6.66
N VAL B 105 19.50 -10.75 5.61
CA VAL B 105 18.47 -11.79 5.61
C VAL B 105 19.14 -13.15 5.47
N VAL B 106 19.07 -13.96 6.54
CA VAL B 106 19.68 -15.28 6.57
C VAL B 106 18.64 -16.38 6.33
N LEU B 107 18.85 -17.16 5.27
CA LEU B 107 17.91 -18.22 4.91
C LEU B 107 18.58 -19.55 4.60
N PRO B 108 17.83 -20.66 4.74
CA PRO B 108 18.38 -22.00 4.45
C PRO B 108 18.76 -21.97 2.96
N ALA B 109 19.80 -22.70 2.58
CA ALA B 109 20.21 -22.69 1.18
C ALA B 109 19.18 -23.45 0.37
N GLY B 110 19.29 -23.34 -0.96
CA GLY B 110 18.36 -24.00 -1.86
C GLY B 110 17.34 -22.98 -2.31
N VAL B 112 14.80 -20.68 -3.32
CA VAL B 112 14.16 -19.41 -2.86
C VAL B 112 13.53 -18.58 -3.98
N ALA B 113 12.22 -18.68 -4.11
CA ALA B 113 11.50 -17.92 -5.13
C ALA B 113 11.82 -16.43 -4.89
N LEU B 114 12.46 -15.80 -5.86
CA LEU B 114 12.83 -14.39 -5.75
C LEU B 114 11.67 -13.50 -5.29
N GLY B 115 10.44 -13.95 -5.55
CA GLY B 115 9.29 -13.17 -5.14
C GLY B 115 9.19 -13.08 -3.63
N LYS B 116 9.68 -14.12 -2.95
CA LYS B 116 9.63 -14.13 -1.49
C LYS B 116 10.53 -13.07 -0.88
N VAL B 117 11.53 -12.60 -1.63
CA VAL B 117 12.46 -11.61 -1.13
C VAL B 117 12.75 -10.44 -2.04
N ALA B 118 12.06 -10.36 -3.17
CA ALA B 118 12.29 -9.28 -4.11
C ALA B 118 12.12 -7.88 -3.49
N GLN B 119 11.11 -7.71 -2.65
CA GLN B 119 10.89 -6.41 -2.03
C GLN B 119 12.03 -6.00 -1.10
N SER B 120 12.60 -6.95 -0.36
CA SER B 120 13.70 -6.61 0.53
C SER B 120 14.93 -6.34 -0.33
N LEU B 121 15.04 -7.06 -1.45
CA LEU B 121 16.16 -6.90 -2.36
C LEU B 121 16.19 -5.53 -3.03
N VAL B 122 15.05 -5.03 -3.47
CA VAL B 122 15.02 -3.72 -4.13
C VAL B 122 15.48 -2.63 -3.17
N HIS B 123 15.33 -2.86 -1.87
CA HIS B 123 15.76 -1.90 -0.86
C HIS B 123 17.26 -2.07 -0.59
N GLY B 124 17.84 -3.12 -1.15
CA GLY B 124 19.27 -3.37 -0.98
C GLY B 124 19.66 -4.35 0.10
N ALA B 125 18.71 -5.13 0.60
CA ALA B 125 19.01 -6.10 1.64
C ALA B 125 20.09 -7.06 1.18
N ARG B 126 20.87 -7.59 2.11
CA ARG B 126 21.91 -8.54 1.75
C ARG B 126 21.46 -9.92 2.21
N ILE B 127 21.24 -10.79 1.24
CA ILE B 127 20.79 -12.14 1.51
C ILE B 127 21.97 -13.09 1.62
N VAL B 128 21.95 -13.90 2.67
CA VAL B 128 23.01 -14.88 2.88
C VAL B 128 22.32 -16.23 3.02
N GLN B 129 22.64 -17.14 2.11
CA GLN B 129 22.07 -18.47 2.13
C GLN B 129 23.07 -19.42 2.77
N VAL B 130 22.60 -20.21 3.72
CA VAL B 130 23.47 -21.16 4.40
C VAL B 130 23.03 -22.58 4.06
N GLU B 131 23.99 -23.49 3.99
CA GLU B 131 23.68 -24.88 3.70
C GLU B 131 23.32 -25.60 5.00
N GLY B 132 22.07 -25.41 5.40
CA GLY B 132 21.56 -26.01 6.61
C GLY B 132 20.07 -25.77 6.57
N ASN B 133 19.36 -26.07 7.65
CA ASN B 133 17.90 -25.89 7.67
C ASN B 133 17.46 -24.57 8.31
N PHE B 134 16.16 -24.48 8.60
CA PHE B 134 15.60 -23.29 9.21
C PHE B 134 16.19 -22.98 10.58
N ASP B 135 16.40 -24.01 11.39
CA ASP B 135 16.95 -23.80 12.73
C ASP B 135 18.38 -23.28 12.66
N ASP B 136 19.14 -23.79 11.70
CA ASP B 136 20.53 -23.38 11.52
C ASP B 136 20.59 -21.89 11.18
N ALA B 137 19.70 -21.46 10.29
CA ALA B 137 19.66 -20.06 9.90
C ALA B 137 19.33 -19.19 11.11
N LEU B 138 18.32 -19.59 11.87
CA LEU B 138 17.92 -18.83 13.05
C LEU B 138 19.02 -18.84 14.09
N ARG B 139 19.53 -20.04 14.39
CA ARG B 139 20.60 -20.19 15.36
C ARG B 139 21.79 -19.30 14.99
N LEU B 140 22.09 -19.23 13.70
CA LEU B 140 23.20 -18.43 13.21
C LEU B 140 22.90 -16.93 13.26
N THR B 141 21.65 -16.56 13.05
CA THR B 141 21.27 -15.13 13.09
C THR B 141 21.37 -14.65 14.54
N GLN B 142 20.98 -15.52 15.47
CA GLN B 142 21.03 -15.18 16.90
C GLN B 142 22.47 -14.94 17.32
N LYS B 143 23.35 -15.89 17.00
CA LYS B 143 24.75 -15.76 17.36
C LYS B 143 25.37 -14.57 16.65
N LEU B 144 24.87 -14.29 15.46
CA LEU B 144 25.39 -13.17 14.68
C LEU B 144 25.08 -11.85 15.38
N THR B 145 23.84 -11.69 15.85
CA THR B 145 23.45 -10.46 16.51
C THR B 145 24.00 -10.33 17.93
N GLU B 146 24.61 -11.40 18.45
CA GLU B 146 25.20 -11.36 19.79
C GLU B 146 26.67 -10.96 19.73
N ALA B 147 27.37 -11.44 18.70
CA ALA B 147 28.79 -11.15 18.53
C ALA B 147 29.09 -9.86 17.75
N PHE B 148 28.31 -9.60 16.71
CA PHE B 148 28.52 -8.42 15.89
C PHE B 148 27.52 -7.30 16.17
N PRO B 149 27.84 -6.06 15.77
CA PRO B 149 26.97 -4.89 15.97
C PRO B 149 25.77 -4.93 15.03
N VAL B 150 24.95 -5.96 15.21
CA VAL B 150 23.76 -6.18 14.39
C VAL B 150 22.59 -6.44 15.33
N ALA B 151 21.49 -5.72 15.14
CA ALA B 151 20.32 -5.94 15.98
C ALA B 151 19.43 -7.00 15.36
N LEU B 152 18.84 -7.84 16.21
CA LEU B 152 17.94 -8.88 15.71
C LEU B 152 16.55 -8.26 15.66
N VAL B 153 15.95 -8.17 14.48
CA VAL B 153 14.63 -7.56 14.37
C VAL B 153 13.51 -8.54 14.06
N ASN B 154 13.54 -9.70 14.72
CA ASN B 154 12.50 -10.70 14.52
C ASN B 154 11.32 -10.37 15.44
N SER B 155 10.29 -11.20 15.41
CA SER B 155 9.10 -10.94 16.21
C SER B 155 9.28 -10.73 17.71
N VAL B 156 10.39 -11.19 18.29
CA VAL B 156 10.60 -11.04 19.74
C VAL B 156 11.44 -9.86 20.19
N ASN B 157 11.90 -9.06 19.23
CA ASN B 157 12.65 -7.87 19.58
C ASN B 157 11.65 -7.07 20.42
N PRO B 158 12.03 -6.65 21.63
CA PRO B 158 11.09 -5.89 22.46
C PRO B 158 10.63 -4.57 21.86
N HIS B 159 11.50 -3.94 21.07
CA HIS B 159 11.15 -2.67 20.45
C HIS B 159 10.10 -2.85 19.36
N ARG B 160 10.09 -4.01 18.71
CA ARG B 160 9.08 -4.24 17.69
C ARG B 160 7.70 -4.34 18.32
N LEU B 161 7.61 -4.99 19.50
CA LEU B 161 6.34 -5.12 20.19
C LEU B 161 5.84 -3.75 20.63
N GLU B 162 6.73 -2.93 21.19
CA GLU B 162 6.34 -1.59 21.64
C GLU B 162 5.82 -0.76 20.46
N GLY B 163 6.55 -0.81 19.34
CA GLY B 163 6.13 -0.07 18.17
C GLY B 163 4.77 -0.55 17.65
N GLN B 164 4.60 -1.87 17.61
CA GLN B 164 3.36 -2.47 17.13
C GLN B 164 2.17 -2.21 18.06
N LYS B 165 2.46 -1.92 19.33
CA LYS B 165 1.39 -1.66 20.30
C LYS B 165 0.66 -0.37 19.91
N THR B 166 1.30 0.49 19.13
CA THR B 166 0.71 1.76 18.73
C THR B 166 -0.58 1.60 17.94
N LEU B 167 -0.76 0.45 17.31
CA LEU B 167 -1.98 0.20 16.54
C LEU B 167 -3.18 0.37 17.47
N ALA B 168 -3.08 -0.17 18.68
CA ALA B 168 -4.17 -0.05 19.64
C ALA B 168 -4.44 1.41 20.01
N PHE B 169 -3.37 2.18 20.18
CA PHE B 169 -3.49 3.60 20.54
C PHE B 169 -4.33 4.33 19.49
N GLU B 170 -3.96 4.13 18.22
CA GLU B 170 -4.66 4.74 17.11
C GLU B 170 -6.13 4.36 17.05
N VAL B 171 -6.42 3.07 17.23
CA VAL B 171 -7.80 2.61 17.21
C VAL B 171 -8.62 3.30 18.30
N VAL B 172 -8.05 3.41 19.49
CA VAL B 172 -8.77 4.06 20.58
C VAL B 172 -8.90 5.55 20.30
N ASP B 173 -7.84 6.17 19.80
CA ASP B 173 -7.86 7.60 19.48
C ASP B 173 -9.01 7.95 18.52
N GLU B 174 -9.20 7.14 17.49
CA GLU B 174 -10.24 7.42 16.50
C GLU B 174 -11.65 7.06 16.95
N LEU B 175 -11.84 5.87 17.50
CA LEU B 175 -13.17 5.46 17.96
C LEU B 175 -13.58 6.26 19.21
N GLY B 176 -12.60 6.66 20.00
CA GLY B 176 -12.90 7.41 21.21
C GLY B 176 -12.88 6.48 22.40
N ASP B 177 -12.67 5.20 22.13
CA ASP B 177 -12.60 4.18 23.17
C ASP B 177 -12.09 2.91 22.52
N ALA B 178 -11.82 1.89 23.32
CA ALA B 178 -11.36 0.61 22.78
C ALA B 178 -12.63 -0.13 22.34
N PRO B 179 -12.50 -1.02 21.35
CA PRO B 179 -13.64 -1.79 20.84
C PRO B 179 -13.98 -2.94 21.78
N HIS B 180 -15.17 -3.50 21.62
CA HIS B 180 -15.61 -4.61 22.44
C HIS B 180 -14.77 -5.83 22.11
N TYR B 181 -14.42 -5.96 20.83
CA TYR B 181 -13.61 -7.08 20.39
C TYR B 181 -12.57 -6.61 19.38
N HIS B 182 -11.43 -7.29 19.37
CA HIS B 182 -10.40 -6.97 18.41
C HIS B 182 -9.84 -8.26 17.84
N ALA B 183 -10.11 -8.50 16.57
CA ALA B 183 -9.63 -9.70 15.89
C ALA B 183 -8.41 -9.38 15.04
N LEU B 184 -7.52 -10.35 14.91
CA LEU B 184 -6.32 -10.19 14.09
C LEU B 184 -5.75 -11.58 13.82
N PRO B 185 -4.83 -11.70 12.85
CA PRO B 185 -4.26 -13.02 12.57
C PRO B 185 -3.16 -13.32 13.58
N VAL B 186 -2.74 -14.57 13.66
CA VAL B 186 -1.68 -14.95 14.58
C VAL B 186 -0.68 -15.92 13.94
N GLY B 187 0.54 -15.45 13.74
CA GLY B 187 1.59 -16.29 13.16
C GLY B 187 2.55 -16.57 14.30
N ASN B 188 3.50 -15.66 14.50
CA ASN B 188 4.46 -15.80 15.60
C ASN B 188 3.85 -15.22 16.87
N ALA B 189 2.67 -14.62 16.74
CA ALA B 189 1.93 -14.03 17.85
C ALA B 189 2.49 -12.76 18.48
N GLY B 190 3.46 -12.13 17.81
CA GLY B 190 4.01 -10.90 18.34
C GLY B 190 2.97 -9.79 18.26
N ASN B 191 2.20 -9.79 17.18
CA ASN B 191 1.18 -8.76 16.95
C ASN B 191 0.06 -8.79 18.00
N ILE B 192 -0.49 -9.96 18.30
CA ILE B 192 -1.55 -10.02 19.30
C ILE B 192 -0.99 -9.62 20.67
N THR B 193 0.26 -9.98 20.94
CA THR B 193 0.91 -9.62 22.18
C THR B 193 1.02 -8.09 22.26
N ALA B 194 1.45 -7.48 21.17
CA ALA B 194 1.60 -6.04 21.09
C ALA B 194 0.26 -5.30 21.21
N HIS B 195 -0.78 -5.83 20.57
CA HIS B 195 -2.11 -5.24 20.63
C HIS B 195 -2.58 -5.15 22.08
N TRP B 196 -2.42 -6.24 22.82
CA TRP B 196 -2.84 -6.29 24.23
C TRP B 196 -2.01 -5.28 25.02
N MET B 197 -0.71 -5.26 24.78
CA MET B 197 0.17 -4.31 25.46
C MET B 197 -0.34 -2.89 25.26
N GLY B 198 -0.68 -2.56 24.02
CA GLY B 198 -1.20 -1.24 23.69
C GLY B 198 -2.46 -0.90 24.46
N TYR B 199 -3.40 -1.84 24.51
CA TYR B 199 -4.64 -1.59 25.24
C TYR B 199 -4.37 -1.42 26.73
N LYS B 200 -3.49 -2.26 27.28
CA LYS B 200 -3.16 -2.15 28.70
C LYS B 200 -2.57 -0.77 29.00
N ALA B 201 -1.62 -0.35 28.17
CA ALA B 201 -0.98 0.94 28.35
C ALA B 201 -2.00 2.09 28.27
N TYR B 202 -2.90 2.03 27.30
CA TYR B 202 -3.89 3.08 27.17
C TYR B 202 -4.87 3.00 28.34
N HIS B 203 -5.06 1.79 28.87
CA HIS B 203 -5.93 1.64 30.01
C HIS B 203 -5.33 2.41 31.20
N ALA B 204 -4.03 2.21 31.45
CA ALA B 204 -3.35 2.91 32.54
C ALA B 204 -3.45 4.42 32.42
N LEU B 205 -3.60 4.89 31.19
CA LEU B 205 -3.72 6.32 30.89
C LEU B 205 -5.15 6.84 31.02
N GLY B 206 -6.12 5.94 30.95
CA GLY B 206 -7.52 6.33 31.05
C GLY B 206 -8.13 6.57 29.67
N LYS B 207 -7.32 6.36 28.62
CA LYS B 207 -7.79 6.56 27.25
C LYS B 207 -8.81 5.51 26.87
N ALA B 208 -8.57 4.28 27.31
CA ALA B 208 -9.47 3.18 27.03
C ALA B 208 -10.34 2.98 28.26
N LYS B 209 -11.65 3.11 28.08
CA LYS B 209 -12.59 2.92 29.19
C LYS B 209 -13.13 1.49 29.24
N ARG B 210 -12.46 0.58 28.53
CA ARG B 210 -12.81 -0.83 28.53
C ARG B 210 -11.66 -1.54 27.85
N LEU B 211 -11.51 -2.84 28.11
CA LEU B 211 -10.46 -3.61 27.48
C LEU B 211 -11.12 -4.55 26.50
N PRO B 212 -10.68 -4.54 25.24
CA PRO B 212 -11.32 -5.44 24.28
C PRO B 212 -10.94 -6.90 24.48
N ARG B 213 -11.83 -7.79 24.07
CA ARG B 213 -11.54 -9.22 24.15
C ARG B 213 -10.75 -9.46 22.87
N MET B 214 -9.54 -10.01 22.99
CA MET B 214 -8.70 -10.27 21.83
C MET B 214 -9.09 -11.58 21.16
N LEU B 215 -9.36 -11.51 19.85
CA LEU B 215 -9.74 -12.69 19.07
C LEU B 215 -8.66 -13.00 18.04
N GLY B 216 -7.82 -13.98 18.35
CA GLY B 216 -6.77 -14.36 17.42
C GLY B 216 -7.18 -15.56 16.58
N PHE B 217 -6.72 -15.59 15.33
CA PHE B 217 -7.06 -16.69 14.44
C PHE B 217 -5.87 -17.22 13.67
N GLN B 218 -5.82 -18.55 13.56
CA GLN B 218 -4.77 -19.24 12.85
C GLN B 218 -5.36 -20.12 11.75
N ALA B 219 -4.55 -20.42 10.74
CA ALA B 219 -5.00 -21.29 9.65
C ALA B 219 -5.04 -22.67 10.28
N ALA B 220 -6.06 -23.46 9.93
CA ALA B 220 -6.22 -24.80 10.49
C ALA B 220 -4.97 -25.67 10.36
N GLY B 221 -4.25 -25.53 9.24
CA GLY B 221 -3.05 -26.32 9.03
C GLY B 221 -1.82 -25.80 9.73
N ALA B 222 -1.99 -24.70 10.47
CA ALA B 222 -0.87 -24.09 11.19
C ALA B 222 -1.45 -23.42 12.45
N ALA B 223 -2.09 -24.22 13.28
CA ALA B 223 -2.73 -23.71 14.49
C ALA B 223 -2.16 -24.25 15.80
N PRO B 224 -0.84 -24.15 15.99
CA PRO B 224 -0.22 -24.64 17.23
C PRO B 224 -0.87 -24.08 18.51
N LEU B 225 -1.19 -22.80 18.49
CA LEU B 225 -1.79 -22.16 19.65
C LEU B 225 -3.22 -22.64 19.89
N VAL B 226 -3.81 -23.23 18.86
CA VAL B 226 -5.16 -23.75 18.99
C VAL B 226 -5.09 -25.21 19.44
N LEU B 227 -4.01 -25.88 19.04
CA LEU B 227 -3.81 -27.27 19.38
C LEU B 227 -3.08 -27.47 20.72
N GLY B 228 -2.48 -26.40 21.22
CA GLY B 228 -1.78 -26.47 22.49
C GLY B 228 -0.41 -27.10 22.40
N ARG B 229 0.03 -27.36 21.18
CA ARG B 229 1.32 -27.96 20.94
C ARG B 229 1.87 -27.49 19.60
N PRO B 230 3.20 -27.53 19.43
CA PRO B 230 3.82 -27.10 18.17
C PRO B 230 3.37 -27.94 16.97
N VAL B 231 3.43 -27.35 15.79
CA VAL B 231 3.06 -28.06 14.56
C VAL B 231 4.37 -28.19 13.80
N GLU B 232 4.74 -29.42 13.49
CA GLU B 232 6.01 -29.66 12.80
C GLU B 232 5.92 -29.41 11.29
N ARG B 233 4.72 -29.55 10.74
CA ARG B 233 4.51 -29.33 9.30
C ARG B 233 3.38 -28.34 9.07
N PRO B 234 3.64 -27.04 9.32
CA PRO B 234 2.58 -26.05 9.11
C PRO B 234 2.22 -25.91 7.63
N GLU B 235 0.92 -25.88 7.33
CA GLU B 235 0.47 -25.74 5.94
C GLU B 235 -0.68 -24.76 5.80
N THR B 236 -0.59 -23.91 4.79
CA THR B 236 -1.63 -22.92 4.54
C THR B 236 -1.18 -21.96 3.44
N LEU B 237 -2.11 -21.59 2.57
CA LEU B 237 -1.79 -20.67 1.49
C LEU B 237 -1.51 -19.32 2.11
N ALA B 238 -1.97 -19.15 3.35
CA ALA B 238 -1.76 -17.90 4.08
C ALA B 238 -0.34 -17.86 4.64
N THR B 239 0.61 -17.67 3.72
CA THR B 239 2.04 -17.62 4.00
C THR B 239 2.50 -16.89 5.25
N ALA B 240 1.99 -15.69 5.51
CA ALA B 240 2.41 -14.91 6.67
C ALA B 240 2.13 -15.56 8.04
N ILE B 241 1.17 -16.48 8.10
CA ILE B 241 0.89 -17.13 9.39
C ILE B 241 1.12 -18.64 9.34
N ARG B 242 1.95 -19.06 8.39
CA ARG B 242 2.29 -20.48 8.25
C ARG B 242 3.45 -20.70 9.23
N ILE B 243 3.15 -20.58 10.52
CA ILE B 243 4.12 -20.72 11.59
C ILE B 243 3.80 -21.92 12.49
N GLY B 244 4.76 -22.82 12.66
CA GLY B 244 4.53 -23.99 13.49
C GLY B 244 4.86 -23.84 14.97
N ASN B 245 5.82 -22.98 15.29
CA ASN B 245 6.21 -22.76 16.68
C ASN B 245 6.32 -21.26 16.97
N PRO B 246 5.19 -20.60 17.24
CA PRO B 246 5.16 -19.15 17.53
C PRO B 246 6.15 -18.68 18.60
N ALA B 247 7.07 -17.81 18.19
CA ALA B 247 8.11 -17.28 19.08
C ALA B 247 7.56 -16.51 20.28
N SER B 248 6.41 -15.89 20.11
CA SER B 248 5.78 -15.10 21.19
C SER B 248 4.58 -15.85 21.78
N TRP B 249 4.75 -17.16 21.93
CA TRP B 249 3.74 -18.06 22.46
C TRP B 249 3.08 -17.66 23.79
N GLN B 250 3.87 -17.43 24.82
CA GLN B 250 3.30 -17.07 26.12
C GLN B 250 2.59 -15.72 26.10
N GLY B 251 3.14 -14.77 25.36
CA GLY B 251 2.51 -13.46 25.25
C GLY B 251 1.10 -13.60 24.70
N ALA B 252 0.94 -14.47 23.71
CA ALA B 252 -0.36 -14.70 23.09
C ALA B 252 -1.35 -15.31 24.09
N VAL B 253 -0.92 -16.34 24.80
CA VAL B 253 -1.80 -16.97 25.77
C VAL B 253 -2.23 -15.97 26.84
N ARG B 254 -1.31 -15.14 27.31
CA ARG B 254 -1.67 -14.14 28.31
C ARG B 254 -2.68 -13.17 27.72
N ALA B 255 -2.45 -12.74 26.49
CA ALA B 255 -3.38 -11.81 25.84
C ALA B 255 -4.79 -12.42 25.79
N LYS B 256 -4.85 -13.68 25.41
CA LYS B 256 -6.11 -14.41 25.31
C LYS B 256 -6.79 -14.56 26.67
N GLU B 257 -6.04 -15.05 27.65
CA GLU B 257 -6.59 -15.26 28.99
C GLU B 257 -6.98 -13.97 29.69
N GLU B 258 -6.03 -13.04 29.79
CA GLU B 258 -6.28 -11.77 30.45
C GLU B 258 -7.39 -10.94 29.81
N SER B 259 -7.57 -11.05 28.50
CA SER B 259 -8.60 -10.27 27.82
C SER B 259 -9.93 -11.00 27.75
N GLY B 260 -9.91 -12.29 28.04
CA GLY B 260 -11.12 -13.07 27.96
C GLY B 260 -11.49 -13.26 26.50
N GLY B 261 -10.49 -13.47 25.67
CA GLY B 261 -10.72 -13.66 24.25
C GLY B 261 -10.50 -15.10 23.86
N VAL B 262 -10.11 -15.33 22.61
CA VAL B 262 -9.84 -16.68 22.14
C VAL B 262 -8.78 -16.66 21.07
N ILE B 263 -8.31 -17.86 20.72
CA ILE B 263 -7.36 -18.05 19.63
C ILE B 263 -7.86 -19.32 18.97
N GLU B 264 -8.62 -19.15 17.89
CA GLU B 264 -9.18 -20.28 17.17
C GLU B 264 -8.66 -20.42 15.74
N ALA B 265 -9.05 -21.52 15.09
CA ALA B 265 -8.60 -21.79 13.73
C ALA B 265 -9.69 -21.65 12.69
N VAL B 266 -9.27 -21.31 11.47
CA VAL B 266 -10.17 -21.18 10.34
C VAL B 266 -9.49 -21.93 9.20
N THR B 267 -10.27 -22.56 8.33
CA THR B 267 -9.70 -23.30 7.20
C THR B 267 -9.24 -22.39 6.07
N ASP B 268 -8.41 -22.93 5.19
CA ASP B 268 -7.91 -22.18 4.04
C ASP B 268 -9.07 -21.75 3.16
N GLU B 269 -10.12 -22.56 3.10
CA GLU B 269 -11.31 -22.24 2.31
C GLU B 269 -12.01 -21.04 2.95
N GLU B 270 -12.11 -21.05 4.27
CA GLU B 270 -12.76 -19.94 4.98
C GLU B 270 -11.94 -18.67 4.80
N ILE B 271 -10.62 -18.81 4.77
CA ILE B 271 -9.74 -17.68 4.58
C ILE B 271 -9.97 -17.10 3.17
N LEU B 272 -10.02 -17.97 2.16
CA LEU B 272 -10.24 -17.49 0.79
C LEU B 272 -11.61 -16.81 0.69
N PHE B 273 -12.60 -17.36 1.38
CA PHE B 273 -13.93 -16.78 1.36
C PHE B 273 -13.90 -15.35 1.95
N ALA B 274 -13.22 -15.19 3.09
CA ALA B 274 -13.14 -13.87 3.73
C ALA B 274 -12.35 -12.92 2.82
N TYR B 275 -11.30 -13.47 2.20
CA TYR B 275 -10.44 -12.72 1.28
C TYR B 275 -11.29 -12.17 0.13
N ARG B 276 -12.11 -13.02 -0.47
CA ARG B 276 -12.97 -12.61 -1.57
C ARG B 276 -14.02 -11.62 -1.07
N TYR B 277 -14.60 -11.92 0.08
CA TYR B 277 -15.61 -11.03 0.67
C TYR B 277 -15.11 -9.60 0.86
N LEU B 278 -13.94 -9.45 1.48
CA LEU B 278 -13.38 -8.12 1.73
C LEU B 278 -13.18 -7.30 0.46
N ALA B 279 -12.66 -7.94 -0.58
CA ALA B 279 -12.42 -7.25 -1.85
C ALA B 279 -13.69 -7.01 -2.65
N ARG B 280 -14.52 -8.05 -2.78
CA ARG B 280 -15.75 -7.95 -3.55
C ARG B 280 -16.89 -7.17 -2.90
N GLU B 281 -17.00 -7.23 -1.58
CA GLU B 281 -18.09 -6.55 -0.89
C GLU B 281 -17.72 -5.26 -0.17
N GLU B 282 -16.49 -5.18 0.34
CA GLU B 282 -16.04 -3.98 1.05
C GLU B 282 -15.01 -3.20 0.25
N GLY B 283 -14.54 -3.78 -0.85
CA GLY B 283 -13.54 -3.10 -1.66
C GLY B 283 -12.16 -3.03 -1.02
N ILE B 284 -11.87 -3.96 -0.12
CA ILE B 284 -10.59 -3.98 0.57
C ILE B 284 -9.75 -5.19 0.14
N PHE B 285 -8.63 -4.90 -0.52
CA PHE B 285 -7.73 -5.95 -1.00
C PHE B 285 -6.64 -6.20 0.04
N CYS B 286 -6.70 -7.33 0.72
CA CYS B 286 -5.70 -7.65 1.73
C CYS B 286 -5.05 -9.00 1.50
N GLU B 287 -3.91 -9.20 2.15
CA GLU B 287 -3.17 -10.45 2.06
C GLU B 287 -4.03 -11.55 2.69
N PRO B 288 -3.91 -12.79 2.20
CA PRO B 288 -4.67 -13.94 2.72
C PRO B 288 -4.54 -14.14 4.22
N ALA B 289 -3.34 -13.97 4.75
CA ALA B 289 -3.10 -14.12 6.18
C ALA B 289 -3.98 -13.12 6.93
N SER B 290 -4.15 -11.94 6.34
CA SER B 290 -4.96 -10.87 6.93
C SER B 290 -6.44 -11.25 6.91
N ALA B 291 -6.87 -11.93 5.86
CA ALA B 291 -8.26 -12.35 5.75
C ALA B 291 -8.67 -13.34 6.84
N ALA B 292 -7.71 -14.03 7.43
CA ALA B 292 -8.02 -14.99 8.48
C ALA B 292 -8.73 -14.28 9.63
N ALA B 293 -8.47 -12.98 9.77
CA ALA B 293 -9.10 -12.19 10.83
C ALA B 293 -10.59 -12.05 10.54
N MET B 294 -10.93 -11.81 9.27
CA MET B 294 -12.32 -11.66 8.87
C MET B 294 -12.96 -13.05 8.90
N ALA B 295 -12.19 -14.07 8.55
CA ALA B 295 -12.69 -15.44 8.56
C ALA B 295 -13.11 -15.78 10.00
N GLY B 296 -12.29 -15.34 10.95
CA GLY B 296 -12.56 -15.59 12.35
C GLY B 296 -13.86 -14.94 12.79
N VAL B 297 -14.09 -13.71 12.35
CA VAL B 297 -15.31 -12.99 12.71
C VAL B 297 -16.52 -13.69 12.08
N PHE B 298 -16.36 -14.18 10.85
CA PHE B 298 -17.45 -14.90 10.18
C PHE B 298 -17.81 -16.11 11.03
N LYS B 299 -16.79 -16.83 11.48
CA LYS B 299 -16.97 -18.01 12.31
C LYS B 299 -17.79 -17.73 13.59
N LEU B 300 -17.30 -16.82 14.43
CA LEU B 300 -18.01 -16.51 15.67
C LEU B 300 -19.39 -15.91 15.39
N LEU B 301 -19.53 -15.23 14.27
CA LEU B 301 -20.83 -14.66 13.94
C LEU B 301 -21.87 -15.78 13.74
N ARG B 302 -21.54 -16.78 12.93
CA ARG B 302 -22.48 -17.86 12.70
C ARG B 302 -22.66 -18.75 13.93
N GLU B 303 -21.70 -18.72 14.84
CA GLU B 303 -21.79 -19.52 16.06
C GLU B 303 -22.51 -18.72 17.13
N GLY B 304 -22.97 -17.53 16.75
CA GLY B 304 -23.68 -16.67 17.67
C GLY B 304 -22.87 -16.30 18.90
N ARG B 305 -21.57 -16.08 18.71
CA ARG B 305 -20.71 -15.74 19.85
C ARG B 305 -20.27 -14.28 19.98
N LEU B 306 -20.90 -13.37 19.25
CA LEU B 306 -20.54 -11.96 19.36
C LEU B 306 -21.76 -11.20 19.85
N GLU B 307 -21.61 -10.51 20.99
CA GLU B 307 -22.73 -9.76 21.56
C GLU B 307 -23.27 -8.72 20.59
N PRO B 308 -24.60 -8.65 20.45
CA PRO B 308 -25.27 -7.70 19.56
C PRO B 308 -24.93 -6.29 20.00
N GLU B 309 -25.03 -5.33 19.07
CA GLU B 309 -24.74 -3.94 19.36
C GLU B 309 -23.28 -3.65 19.70
N SER B 310 -22.41 -4.64 19.51
CA SER B 310 -21.00 -4.44 19.85
C SER B 310 -20.16 -3.96 18.66
N THR B 311 -18.97 -3.43 19.00
CA THR B 311 -18.02 -2.92 18.02
C THR B 311 -16.88 -3.92 17.89
N VAL B 312 -16.58 -4.29 16.65
CA VAL B 312 -15.50 -5.24 16.36
C VAL B 312 -14.48 -4.61 15.40
N VAL B 313 -13.23 -4.59 15.84
CA VAL B 313 -12.15 -4.05 15.01
C VAL B 313 -11.30 -5.22 14.54
N LEU B 314 -10.91 -5.19 13.27
CA LEU B 314 -10.08 -6.23 12.69
C LEU B 314 -8.80 -5.63 12.17
N THR B 315 -7.68 -6.27 12.47
CA THR B 315 -6.42 -5.77 11.96
C THR B 315 -6.14 -6.54 10.67
N LEU B 316 -6.26 -5.86 9.54
CA LEU B 316 -5.94 -6.49 8.26
C LEU B 316 -4.47 -6.17 8.11
N THR B 317 -3.63 -7.14 8.49
CA THR B 317 -2.19 -7.01 8.52
C THR B 317 -1.38 -6.60 7.28
N GLY B 318 -1.74 -7.10 6.11
CA GLY B 318 -0.98 -6.75 4.92
C GLY B 318 -1.82 -6.44 3.69
N HIS B 319 -1.21 -5.80 2.71
CA HIS B 319 -1.94 -5.43 1.50
C HIS B 319 -2.03 -6.57 0.50
N GLY B 320 -3.17 -6.68 -0.17
CA GLY B 320 -3.38 -7.72 -1.16
C GLY B 320 -2.28 -7.77 -2.21
N LEU B 321 -1.65 -6.63 -2.49
CA LEU B 321 -0.58 -6.58 -3.49
C LEU B 321 0.65 -7.41 -3.08
N LYS B 322 0.70 -7.80 -1.81
CA LYS B 322 1.79 -8.62 -1.30
C LYS B 322 1.79 -10.03 -1.89
N ASP B 323 0.61 -10.53 -2.20
CA ASP B 323 0.48 -11.90 -2.71
C ASP B 323 -0.18 -12.01 -4.09
N PRO B 324 0.55 -11.63 -5.15
CA PRO B 324 -0.02 -11.71 -6.49
C PRO B 324 -0.39 -13.14 -6.93
N ALA B 325 0.36 -14.13 -6.44
CA ALA B 325 0.11 -15.53 -6.78
C ALA B 325 -1.31 -15.96 -6.41
N THR B 326 -1.72 -15.65 -5.18
CA THR B 326 -3.05 -16.01 -4.73
C THR B 326 -4.11 -15.23 -5.50
N ALA B 327 -3.85 -13.96 -5.77
CA ALA B 327 -4.78 -13.11 -6.51
C ALA B 327 -5.03 -13.70 -7.91
N GLU B 328 -3.97 -14.14 -8.57
CA GLU B 328 -4.09 -14.73 -9.89
C GLU B 328 -4.82 -16.06 -9.82
N ARG B 329 -4.57 -16.82 -8.75
CA ARG B 329 -5.23 -18.10 -8.57
C ARG B 329 -6.74 -17.90 -8.40
N VAL B 330 -7.13 -16.85 -7.67
CA VAL B 330 -8.53 -16.56 -7.42
C VAL B 330 -9.22 -15.89 -8.61
N ALA B 331 -8.47 -15.11 -9.38
CA ALA B 331 -9.02 -14.41 -10.53
C ALA B 331 -9.30 -15.36 -11.68
N GLU B 332 -10.26 -14.98 -12.52
CA GLU B 332 -10.64 -15.76 -13.68
C GLU B 332 -11.04 -14.83 -14.83
N LEU B 333 -10.41 -15.02 -15.98
CA LEU B 333 -10.72 -14.19 -17.13
C LEU B 333 -11.76 -14.93 -17.97
N PRO B 334 -12.96 -14.34 -18.13
CA PRO B 334 -14.02 -14.97 -18.92
C PRO B 334 -13.60 -15.11 -20.38
N PRO B 335 -14.23 -16.04 -21.11
CA PRO B 335 -13.86 -16.22 -22.53
C PRO B 335 -14.33 -15.01 -23.34
N PRO B 336 -13.64 -14.72 -24.45
CA PRO B 336 -14.02 -13.58 -25.28
C PRO B 336 -15.44 -13.71 -25.81
N VAL B 337 -16.08 -12.57 -26.09
CA VAL B 337 -17.43 -12.55 -26.65
C VAL B 337 -17.39 -11.67 -27.89
N PRO B 338 -18.39 -11.80 -28.78
CA PRO B 338 -18.38 -10.97 -29.98
C PRO B 338 -18.36 -9.48 -29.66
N ALA B 339 -17.74 -8.70 -30.54
CA ALA B 339 -17.64 -7.26 -30.35
C ALA B 339 -18.96 -6.56 -30.71
N ARG B 340 -20.03 -6.92 -29.99
CA ARG B 340 -21.36 -6.34 -30.21
C ARG B 340 -21.97 -5.90 -28.88
N LEU B 341 -22.56 -4.70 -28.87
CA LEU B 341 -23.17 -4.14 -27.67
C LEU B 341 -23.97 -5.12 -26.80
N GLU B 342 -24.79 -5.94 -27.45
CA GLU B 342 -25.63 -6.91 -26.74
C GLU B 342 -24.82 -8.01 -26.06
N ALA B 343 -23.73 -8.41 -26.71
CA ALA B 343 -22.87 -9.46 -26.18
C ALA B 343 -22.08 -8.92 -24.99
N VAL B 344 -21.68 -7.66 -25.09
CA VAL B 344 -20.93 -7.00 -24.04
C VAL B 344 -21.85 -6.71 -22.85
N ALA B 345 -23.04 -6.20 -23.13
CA ALA B 345 -23.96 -5.91 -22.04
C ALA B 345 -24.29 -7.21 -21.32
N ALA B 346 -24.58 -8.25 -22.11
CA ALA B 346 -24.91 -9.53 -21.53
C ALA B 346 -23.81 -9.98 -20.59
N ALA B 347 -22.58 -10.00 -21.10
CA ALA B 347 -21.42 -10.44 -20.31
C ALA B 347 -21.10 -9.54 -19.12
N ALA B 348 -21.42 -8.26 -19.22
CA ALA B 348 -21.14 -7.33 -18.13
C ALA B 348 -22.17 -7.47 -17.03
N GLY B 349 -23.21 -8.25 -17.30
CA GLY B 349 -24.24 -8.45 -16.31
C GLY B 349 -25.18 -7.27 -16.25
N LEU B 350 -25.74 -6.91 -17.41
CA LEU B 350 -26.66 -5.77 -17.51
C LEU B 350 -27.99 -6.20 -18.11
S SO4 C . 6.38 7.60 -33.19
O1 SO4 C . 7.33 8.52 -32.54
O2 SO4 C . 6.96 7.10 -34.44
O3 SO4 C . 6.10 6.46 -32.28
O4 SO4 C . 5.12 8.33 -33.50
S SO4 D . -2.22 5.93 -26.41
O1 SO4 D . -0.77 5.66 -26.46
O2 SO4 D . -2.77 5.94 -27.78
O3 SO4 D . -2.86 4.84 -25.64
O4 SO4 D . -2.50 7.21 -25.76
N1 PLP E . 1.68 6.81 -12.39
C2 PLP E . 0.78 5.92 -11.88
C2A PLP E . 1.22 4.96 -10.77
C3 PLP E . -0.52 5.88 -12.39
O3 PLP E . -1.44 4.99 -11.86
C4 PLP E . -0.90 6.74 -13.40
C4A PLP E . -2.35 6.67 -13.92
C5 PLP E . 0.06 7.65 -13.89
C6 PLP E . 1.33 7.67 -13.38
C5A PLP E . -0.24 8.64 -15.00
O4P PLP E . -1.05 9.73 -14.56
P PLP E . -1.91 10.63 -15.60
O1P PLP E . -2.37 9.72 -16.67
O2P PLP E . -0.82 11.61 -16.13
O3P PLP E . -2.89 11.40 -14.82
S SO4 F . 10.31 -13.19 11.82
O1 SO4 F . 11.65 -12.72 11.39
O2 SO4 F . 9.50 -13.53 10.62
O3 SO4 F . 10.46 -14.40 12.67
O4 SO4 F . 9.60 -12.11 12.58
N1 PLP G . -0.10 -11.02 8.56
C2 PLP G . 0.87 -10.29 7.93
C2A PLP G . 0.52 -9.55 6.63
C3 PLP G . 2.15 -10.23 8.46
O3 PLP G . 3.11 -9.48 7.82
C4 PLP G . 2.46 -10.92 9.63
C4A PLP G . 3.91 -10.84 10.19
C5 PLP G . 1.44 -11.66 10.25
C6 PLP G . 0.18 -11.69 9.70
C5A PLP G . 1.64 -12.45 11.53
O4P PLP G . 1.79 -11.62 12.70
P PLP G . 2.49 -12.28 13.98
O1P PLP G . 1.41 -12.96 14.73
O2P PLP G . 3.01 -11.04 14.81
O3P PLP G . 3.64 -13.10 13.53
#